data_3O61
#
_entry.id   3O61
#
_cell.length_a   54.276
_cell.length_b   55.824
_cell.length_c   158.121
_cell.angle_alpha   90.00
_cell.angle_beta   91.71
_cell.angle_gamma   90.00
#
_symmetry.space_group_name_H-M   'P 1 21 1'
#
loop_
_entity.id
_entity.type
_entity.pdbx_description
1 polymer 'GDP-mannose pyrophosphatase nudK'
2 non-polymer "GUANOSINE-5'-DIPHOSPHATE-ALPHA-D-MANNOSE"
3 non-polymer 'MAGNESIUM ION'
4 non-polymer 'SODIUM ION'
5 non-polymer 'CHLORIDE ION'
6 water water
#
_entity_poly.entity_id   1
_entity_poly.type   'polypeptide(L)'
_entity_poly.pdbx_seq_one_letter_code
;MTQQITLIKDKILSDNYFTLHNITYDLTRKDGEVIRHKREVYDRGNGATILLYNTKKKTVVLIRQFRVATWVNGNESGQL
IESCAGLLDNDEPEVCIRKAAIEETGYEVGEVRKLFELYMSPGGVTELIHFFIAEYSDNQRANAGGGVEDEDIEVLELPF
SQALEMIKTGEIRDGKTVLLLNYLQTSHLMD
;
_entity_poly.pdbx_strand_id   A,B,C,D
#
# COMPACT_ATOMS: atom_id res chain seq x y z
N MET A 1 22.21 -28.12 24.52
CA MET A 1 21.81 -27.57 23.18
C MET A 1 23.03 -27.07 22.40
N THR A 2 24.22 -27.36 22.92
CA THR A 2 25.48 -26.79 22.40
C THR A 2 25.68 -26.90 20.87
N GLN A 3 26.42 -27.90 20.42
CA GLN A 3 26.76 -27.99 19.01
C GLN A 3 26.54 -29.39 18.51
N GLN A 4 26.75 -29.56 17.21
CA GLN A 4 26.45 -30.82 16.53
C GLN A 4 24.97 -31.13 16.64
N ILE A 5 24.22 -30.65 15.66
CA ILE A 5 22.82 -30.95 15.53
C ILE A 5 22.64 -31.82 14.29
N THR A 6 22.60 -33.14 14.49
CA THR A 6 22.23 -34.03 13.40
C THR A 6 20.70 -34.20 13.33
N LEU A 7 20.13 -33.76 12.20
CA LEU A 7 18.76 -34.12 11.81
C LEU A 7 18.63 -35.63 11.55
N ILE A 8 17.60 -36.23 12.14
CA ILE A 8 17.37 -37.68 12.06
C ILE A 8 16.01 -38.00 11.40
N LYS A 9 14.97 -37.23 11.71
CA LYS A 9 13.64 -37.56 11.19
C LYS A 9 12.69 -36.37 11.20
N ASP A 10 12.03 -36.16 10.08
CA ASP A 10 11.01 -35.13 9.95
C ASP A 10 9.73 -35.88 9.62
N LYS A 11 8.90 -36.15 10.61
CA LYS A 11 7.60 -36.77 10.32
C LYS A 11 6.48 -35.74 10.30
N ILE A 12 5.63 -35.82 9.28
CA ILE A 12 4.44 -34.98 9.18
C ILE A 12 3.33 -35.57 10.06
N LEU A 13 2.94 -34.86 11.09
CA LEU A 13 1.83 -35.30 11.93
C LEU A 13 0.49 -34.89 11.35
N SER A 14 0.45 -33.83 10.54
CA SER A 14 -0.84 -33.30 10.04
C SER A 14 -0.56 -32.25 8.98
N ASP A 15 -1.20 -32.35 7.82
CA ASP A 15 -0.89 -31.49 6.67
C ASP A 15 -2.20 -31.03 5.96
N ASN A 16 -3.23 -30.78 6.77
CA ASN A 16 -4.54 -30.41 6.30
C ASN A 16 -4.41 -29.08 5.62
N TYR A 17 -4.15 -28.06 6.43
CA TYR A 17 -4.13 -26.69 6.00
C TYR A 17 -2.73 -26.11 6.19
N PHE A 18 -2.21 -26.25 7.39
CA PHE A 18 -0.81 -25.92 7.62
C PHE A 18 -0.18 -27.23 8.04
N THR A 19 1.09 -27.23 8.42
CA THR A 19 1.78 -28.49 8.59
C THR A 19 2.31 -28.63 9.98
N LEU A 20 2.13 -29.81 10.54
CA LEU A 20 2.65 -30.10 11.85
C LEU A 20 3.70 -31.18 11.74
N HIS A 21 4.91 -30.88 12.16
CA HIS A 21 5.95 -31.90 11.98
C HIS A 21 6.34 -32.44 13.35
N ASN A 22 6.78 -33.70 13.39
CA ASN A 22 7.54 -34.18 14.53
C ASN A 22 8.99 -34.30 14.06
N ILE A 23 9.89 -33.62 14.77
CA ILE A 23 11.30 -33.56 14.42
C ILE A 23 12.23 -34.22 15.46
N THR A 24 12.99 -35.17 14.98
CA THR A 24 13.91 -35.92 15.81
C THR A 24 15.28 -35.41 15.48
N TYR A 25 15.95 -34.85 16.48
CA TYR A 25 17.35 -34.39 16.33
C TYR A 25 18.23 -34.94 17.43
N ASP A 26 19.52 -34.99 17.13
CA ASP A 26 20.55 -35.38 18.08
C ASP A 26 21.48 -34.21 18.38
N LEU A 27 21.74 -33.97 19.66
CA LEU A 27 22.79 -33.06 20.09
C LEU A 27 23.94 -33.88 20.61
N THR A 28 25.14 -33.58 20.10
CA THR A 28 26.36 -34.21 20.61
C THR A 28 27.19 -33.24 21.47
N ARG A 29 27.45 -33.69 22.69
CA ARG A 29 28.19 -32.94 23.72
C ARG A 29 29.74 -32.97 23.62
N LYS A 30 30.35 -32.08 24.40
CA LYS A 30 31.80 -31.93 24.49
C LYS A 30 32.51 -33.28 24.50
N ASP A 31 32.03 -34.20 25.34
CA ASP A 31 32.62 -35.54 25.48
C ASP A 31 32.35 -36.48 24.29
N GLY A 32 31.38 -36.12 23.46
CA GLY A 32 30.96 -36.97 22.35
C GLY A 32 29.69 -37.76 22.61
N GLU A 33 29.00 -37.42 23.71
CA GLU A 33 27.74 -38.04 24.15
C GLU A 33 26.56 -37.53 23.32
N VAL A 34 25.77 -38.47 22.80
CA VAL A 34 24.68 -38.13 21.90
C VAL A 34 23.32 -38.30 22.61
N ILE A 35 22.53 -37.22 22.58
CA ILE A 35 21.22 -37.20 23.23
C ILE A 35 20.14 -36.95 22.17
N ARG A 36 19.09 -37.78 22.16
CA ARG A 36 18.07 -37.65 21.15
C ARG A 36 16.85 -36.88 21.68
N HIS A 37 16.36 -35.94 20.89
CA HIS A 37 15.24 -35.10 21.28
C HIS A 37 14.15 -35.19 20.27
N LYS A 38 12.92 -34.96 20.70
CA LYS A 38 11.81 -35.00 19.74
C LYS A 38 10.95 -33.79 19.94
N ARG A 39 10.64 -33.06 18.88
CA ARG A 39 9.86 -31.81 19.04
C ARG A 39 8.88 -31.57 17.93
N GLU A 40 7.64 -31.37 18.36
CA GLU A 40 6.62 -30.86 17.48
C GLU A 40 6.94 -29.48 16.95
N VAL A 41 6.80 -29.31 15.66
CA VAL A 41 7.07 -28.03 15.03
C VAL A 41 5.91 -27.71 14.08
N TYR A 42 5.21 -26.62 14.34
CA TYR A 42 4.05 -26.20 13.55
C TYR A 42 4.40 -25.04 12.59
N ASP A 43 4.20 -25.27 11.31
CA ASP A 43 4.66 -24.37 10.25
C ASP A 43 3.43 -23.74 9.68
N ARG A 44 3.10 -22.53 10.11
CA ARG A 44 2.07 -21.77 9.41
C ARG A 44 2.62 -20.68 8.49
N GLY A 45 3.92 -20.70 8.21
CA GLY A 45 4.50 -19.69 7.34
C GLY A 45 4.80 -18.45 8.16
N ASN A 46 5.50 -17.51 7.56
CA ASN A 46 5.83 -16.29 8.26
C ASN A 46 4.74 -15.24 8.06
N GLY A 47 4.85 -14.11 8.74
CA GLY A 47 3.83 -13.03 8.68
C GLY A 47 4.47 -11.65 8.74
N ALA A 48 3.67 -10.59 8.59
CA ALA A 48 4.13 -9.24 8.83
C ALA A 48 3.01 -8.44 9.49
N THR A 49 3.40 -7.50 10.34
CA THR A 49 2.44 -6.64 11.03
C THR A 49 2.91 -5.17 10.96
N ILE A 50 1.95 -4.24 10.96
CA ILE A 50 2.33 -2.86 10.88
C ILE A 50 1.58 -2.06 11.90
N LEU A 51 2.21 -1.00 12.39
CA LEU A 51 1.53 -0.07 13.22
C LEU A 51 1.42 1.28 12.51
N LEU A 52 0.20 1.69 12.26
CA LEU A 52 0.00 2.99 11.68
C LEU A 52 -0.15 4.00 12.80
N TYR A 53 0.65 5.06 12.70
CA TYR A 53 0.60 6.16 13.65
C TYR A 53 0.54 7.51 12.91
N ASN A 54 0.03 8.54 13.61
CA ASN A 54 -0.07 9.89 13.04
C ASN A 54 0.38 10.97 14.02
N THR A 55 1.35 11.79 13.62
CA THR A 55 2.00 12.75 14.54
C THR A 55 1.30 14.10 14.59
N LYS A 56 0.25 14.22 13.79
CA LYS A 56 -0.53 15.44 13.77
C LYS A 56 -1.59 15.33 14.85
N LYS A 57 -1.99 14.11 15.19
CA LYS A 57 -3.11 13.93 16.11
C LYS A 57 -2.73 13.13 17.34
N LYS A 58 -1.57 12.49 17.26
CA LYS A 58 -1.10 11.57 18.29
C LYS A 58 -2.08 10.40 18.37
N THR A 59 -2.37 9.86 17.19
CA THR A 59 -3.24 8.70 17.08
C THR A 59 -2.49 7.53 16.46
N VAL A 60 -3.01 6.33 16.66
CA VAL A 60 -2.52 5.11 16.01
C VAL A 60 -3.71 4.34 15.41
N VAL A 61 -3.47 3.60 14.33
CA VAL A 61 -4.53 2.71 13.84
C VAL A 61 -4.22 1.24 14.15
N LEU A 62 -5.21 0.60 14.75
CA LEU A 62 -5.22 -0.83 14.97
C LEU A 62 -6.54 -1.43 14.45
N ILE A 63 -6.64 -2.75 14.57
CA ILE A 63 -7.86 -3.45 14.25
C ILE A 63 -8.40 -4.30 15.40
N ARG A 64 -9.53 -4.95 15.15
CA ARG A 64 -10.10 -5.92 16.07
C ARG A 64 -10.93 -6.94 15.29
N GLN A 65 -10.72 -8.21 15.59
CA GLN A 65 -11.36 -9.30 14.86
C GLN A 65 -11.48 -10.48 15.81
N PHE A 66 -12.28 -11.47 15.44
CA PHE A 66 -12.46 -12.65 16.27
C PHE A 66 -11.31 -13.62 16.11
N ARG A 67 -10.62 -13.91 17.20
CA ARG A 67 -9.55 -14.91 17.16
C ARG A 67 -9.99 -16.16 17.91
N VAL A 68 -10.40 -17.19 17.18
CA VAL A 68 -10.95 -18.38 17.85
C VAL A 68 -9.98 -19.10 18.81
N ALA A 69 -8.69 -19.06 18.46
CA ALA A 69 -7.62 -19.64 19.27
C ALA A 69 -7.53 -19.00 20.68
N THR A 70 -8.01 -17.76 20.81
CA THR A 70 -8.08 -17.05 22.10
C THR A 70 -9.41 -17.27 22.77
N TRP A 71 -10.45 -17.48 21.95
CA TRP A 71 -11.78 -17.87 22.43
C TRP A 71 -11.73 -19.22 23.19
N VAL A 72 -10.95 -20.17 22.68
CA VAL A 72 -10.79 -21.45 23.36
C VAL A 72 -9.82 -21.38 24.56
N ASN A 73 -9.24 -20.20 24.79
CA ASN A 73 -8.19 -20.01 25.81
C ASN A 73 -8.31 -18.73 26.62
N GLY A 74 -9.41 -18.53 27.35
CA GLY A 74 -9.52 -17.42 28.31
C GLY A 74 -10.07 -16.07 27.83
N ASN A 75 -10.16 -15.89 26.51
CA ASN A 75 -10.63 -14.61 25.96
C ASN A 75 -12.14 -14.65 25.71
N GLU A 76 -12.92 -14.28 26.71
CA GLU A 76 -14.36 -14.46 26.69
C GLU A 76 -15.04 -14.12 25.37
N SER A 77 -14.87 -12.89 24.90
CA SER A 77 -15.62 -12.48 23.71
C SER A 77 -14.95 -13.10 22.46
N GLY A 78 -13.68 -13.44 22.55
CA GLY A 78 -12.96 -13.97 21.41
C GLY A 78 -12.38 -12.89 20.50
N GLN A 79 -12.98 -11.70 20.53
CA GLN A 79 -12.46 -10.53 19.80
C GLN A 79 -11.13 -10.09 20.36
N LEU A 80 -10.21 -9.68 19.49
CA LEU A 80 -8.90 -9.22 19.94
C LEU A 80 -8.41 -7.94 19.25
N ILE A 81 -7.99 -6.95 20.03
CA ILE A 81 -7.35 -5.76 19.47
C ILE A 81 -5.88 -6.03 19.14
N GLU A 82 -5.45 -5.57 17.96
CA GLU A 82 -4.17 -5.96 17.40
C GLU A 82 -3.79 -4.97 16.36
N SER A 83 -2.49 -4.91 16.10
CA SER A 83 -1.95 -4.21 14.96
C SER A 83 -2.36 -4.94 13.68
N CYS A 84 -2.72 -4.23 12.63
CA CYS A 84 -2.87 -4.85 11.31
C CYS A 84 -1.77 -5.89 11.04
N ALA A 85 -2.11 -7.01 10.39
CA ALA A 85 -1.18 -8.16 10.15
C ALA A 85 -1.67 -9.13 9.08
N GLY A 86 -0.75 -9.74 8.36
CA GLY A 86 -1.11 -10.65 7.29
C GLY A 86 -0.06 -11.73 7.15
N LEU A 87 -0.40 -12.87 6.57
CA LEU A 87 0.61 -13.87 6.24
C LEU A 87 1.33 -13.48 4.95
N LEU A 88 2.58 -13.91 4.83
CA LEU A 88 3.36 -13.58 3.65
C LEU A 88 2.73 -14.09 2.37
N ASP A 89 2.18 -15.30 2.44
CA ASP A 89 1.80 -16.04 1.25
C ASP A 89 3.01 -16.07 0.31
N ASN A 90 2.81 -15.58 -0.90
CA ASN A 90 3.84 -15.57 -1.93
C ASN A 90 4.56 -14.21 -1.96
N ASP A 91 4.27 -13.35 -0.98
CA ASP A 91 4.73 -11.95 -1.06
C ASP A 91 5.92 -11.66 -0.13
N GLU A 92 6.84 -10.81 -0.59
CA GLU A 92 7.85 -10.23 0.28
C GLU A 92 7.15 -9.40 1.36
N PRO A 93 7.81 -9.22 2.52
CA PRO A 93 7.18 -8.52 3.67
C PRO A 93 6.59 -7.15 3.34
N GLU A 94 7.28 -6.36 2.53
CA GLU A 94 6.76 -5.06 2.17
C GLU A 94 5.43 -5.16 1.40
N VAL A 95 5.42 -5.96 0.34
CA VAL A 95 4.24 -6.18 -0.47
C VAL A 95 3.16 -6.72 0.43
N CYS A 96 3.45 -7.83 1.09
CA CYS A 96 2.53 -8.40 2.06
C CYS A 96 1.90 -7.30 2.89
N ILE A 97 2.72 -6.53 3.59
CA ILE A 97 2.17 -5.62 4.59
C ILE A 97 1.42 -4.39 4.01
N ARG A 98 1.79 -3.99 2.80
CA ARG A 98 1.09 -2.88 2.15
C ARG A 98 -0.35 -3.30 1.81
N LYS A 99 -0.46 -4.50 1.23
CA LYS A 99 -1.75 -5.06 0.85
C LYS A 99 -2.55 -5.32 2.11
N ALA A 100 -1.95 -6.05 3.06
CA ALA A 100 -2.60 -6.26 4.36
C ALA A 100 -3.19 -4.96 4.88
N ALA A 101 -2.41 -3.88 4.86
CA ALA A 101 -2.85 -2.60 5.38
C ALA A 101 -4.05 -2.03 4.65
N ILE A 102 -4.15 -2.28 3.35
CA ILE A 102 -5.19 -1.60 2.57
C ILE A 102 -6.49 -2.41 2.49
N GLU A 103 -6.38 -3.71 2.72
CA GLU A 103 -7.54 -4.60 2.86
C GLU A 103 -8.14 -4.49 4.28
N GLU A 104 -7.29 -4.41 5.30
CA GLU A 104 -7.75 -4.47 6.68
C GLU A 104 -8.06 -3.09 7.22
N THR A 105 -7.17 -2.13 6.97
CA THR A 105 -7.29 -0.77 7.50
C THR A 105 -7.68 0.27 6.42
N GLY A 106 -7.66 -0.14 5.15
CA GLY A 106 -8.04 0.78 4.06
C GLY A 106 -7.12 1.96 3.79
N TYR A 107 -5.90 1.94 4.37
CA TYR A 107 -4.90 2.98 4.10
C TYR A 107 -3.84 2.55 3.10
N GLU A 108 -3.61 3.38 2.10
CA GLU A 108 -2.46 3.26 1.21
C GLU A 108 -1.23 3.78 1.97
N VAL A 109 -0.34 2.91 2.40
CA VAL A 109 0.81 3.36 3.16
C VAL A 109 1.96 3.67 2.23
N GLY A 110 2.76 4.68 2.62
CA GLY A 110 3.94 5.12 1.85
C GLY A 110 5.23 4.57 2.43
N GLU A 111 6.11 5.46 2.87
CA GLU A 111 7.38 5.03 3.41
C GLU A 111 7.12 4.13 4.62
N VAL A 112 7.75 2.97 4.65
CA VAL A 112 7.69 2.20 5.85
C VAL A 112 9.03 2.16 6.55
N ARG A 113 9.00 1.90 7.85
CA ARG A 113 10.20 1.65 8.60
C ARG A 113 10.10 0.25 9.16
N LYS A 114 11.04 -0.62 8.77
CA LYS A 114 11.11 -1.95 9.30
C LYS A 114 11.80 -1.86 10.62
N LEU A 115 11.35 -2.65 11.59
CA LEU A 115 12.00 -2.64 12.90
C LEU A 115 12.92 -3.82 13.04
N PHE A 116 12.34 -5.00 13.07
CA PHE A 116 13.06 -6.26 13.27
C PHE A 116 12.18 -7.34 12.68
N GLU A 117 12.75 -8.53 12.56
CA GLU A 117 12.03 -9.75 12.29
C GLU A 117 12.13 -10.63 13.54
N LEU A 118 11.03 -10.98 14.16
CA LEU A 118 11.13 -11.77 15.39
C LEU A 118 10.38 -13.11 15.30
N TYR A 119 10.92 -14.16 15.91
CA TYR A 119 10.10 -15.36 16.14
C TYR A 119 9.15 -15.11 17.30
N MET A 120 7.86 -15.41 17.14
CA MET A 120 6.95 -15.10 18.22
C MET A 120 6.75 -16.21 19.25
N SER A 121 7.04 -17.44 18.87
CA SER A 121 6.79 -18.60 19.74
C SER A 121 7.75 -19.74 19.37
N PRO A 122 9.04 -19.51 19.61
CA PRO A 122 10.08 -20.34 19.01
C PRO A 122 10.18 -21.74 19.55
N GLY A 123 9.46 -22.07 20.63
CA GLY A 123 9.44 -23.42 21.16
C GLY A 123 8.83 -24.41 20.16
N GLY A 124 7.61 -24.10 19.70
CA GLY A 124 6.96 -24.97 18.72
C GLY A 124 6.32 -24.38 17.48
N VAL A 125 6.72 -23.20 17.05
CA VAL A 125 6.09 -22.59 15.88
C VAL A 125 7.17 -21.98 15.04
N THR A 126 7.25 -22.25 13.74
CA THR A 126 8.34 -21.64 12.95
C THR A 126 8.21 -20.13 12.79
N GLU A 127 7.00 -19.63 12.96
CA GLU A 127 6.56 -18.26 12.63
C GLU A 127 7.58 -17.13 12.88
N LEU A 128 8.03 -16.51 11.79
CA LEU A 128 8.83 -15.30 11.87
C LEU A 128 7.90 -14.14 11.53
N ILE A 129 8.03 -13.03 12.25
CA ILE A 129 7.19 -11.87 12.06
C ILE A 129 7.97 -10.62 11.77
N HIS A 130 7.69 -10.04 10.58
CA HIS A 130 8.27 -8.81 10.08
C HIS A 130 7.46 -7.62 10.59
N PHE A 131 8.11 -6.77 11.40
CA PHE A 131 7.47 -5.60 12.02
C PHE A 131 7.78 -4.31 11.26
N PHE A 132 6.73 -3.53 11.03
CA PHE A 132 6.84 -2.25 10.37
C PHE A 132 6.06 -1.19 11.15
N ILE A 133 6.53 0.05 11.10
CA ILE A 133 5.64 1.17 11.34
C ILE A 133 5.66 2.06 10.12
N ALA A 134 4.61 2.87 10.01
CA ALA A 134 4.53 3.86 8.95
C ALA A 134 3.59 4.96 9.41
N GLU A 135 3.92 6.19 9.05
CA GLU A 135 3.05 7.29 9.44
C GLU A 135 1.84 7.31 8.51
N TYR A 136 0.65 7.60 9.04
CA TYR A 136 -0.51 7.77 8.17
C TYR A 136 -1.12 9.20 8.17
N SER A 137 -1.90 9.50 7.13
CA SER A 137 -2.64 10.78 7.07
C SER A 137 -3.93 10.55 6.32
N ASP A 138 -4.87 11.49 6.40
CA ASP A 138 -6.18 11.32 5.79
C ASP A 138 -6.14 11.13 4.27
N ASN A 139 -5.07 11.62 3.64
CA ASN A 139 -4.84 11.45 2.19
C ASN A 139 -4.67 10.03 1.72
N GLN A 140 -4.13 9.19 2.62
CA GLN A 140 -3.78 7.81 2.32
C GLN A 140 -4.96 6.83 2.47
N ARG A 141 -6.11 7.37 2.88
CA ARG A 141 -7.30 6.57 3.14
C ARG A 141 -8.09 6.36 1.85
N ALA A 142 -8.00 5.15 1.30
CA ALA A 142 -8.67 4.84 0.04
C ALA A 142 -10.11 4.38 0.26
N ASN A 143 -10.27 3.45 1.20
CA ASN A 143 -11.58 2.87 1.56
C ASN A 143 -11.74 2.56 3.06
N ALA A 144 -12.63 1.62 3.38
CA ALA A 144 -13.10 1.40 4.75
C ALA A 144 -12.40 0.27 5.54
N GLY A 145 -11.79 -0.68 4.83
CA GLY A 145 -11.11 -1.83 5.46
C GLY A 145 -11.96 -2.95 6.06
N GLY A 146 -13.01 -3.39 5.36
CA GLY A 146 -13.82 -4.53 5.81
C GLY A 146 -13.14 -5.89 5.73
N GLU A 151 -14.78 -9.74 6.05
CA GLU A 151 -14.50 -10.14 7.43
C GLU A 151 -14.97 -9.12 8.49
N ASP A 152 -15.24 -9.66 9.68
CA ASP A 152 -15.58 -8.91 10.89
C ASP A 152 -14.45 -7.96 11.38
N ILE A 153 -13.56 -7.53 10.49
CA ILE A 153 -12.44 -6.66 10.94
C ILE A 153 -12.89 -5.20 11.12
N GLU A 154 -12.88 -4.74 12.37
CA GLU A 154 -13.14 -3.33 12.69
C GLU A 154 -11.84 -2.54 12.87
N VAL A 155 -11.77 -1.41 12.18
CA VAL A 155 -10.64 -0.50 12.21
C VAL A 155 -10.89 0.43 13.37
N LEU A 156 -9.89 0.56 14.24
CA LEU A 156 -9.94 1.49 15.34
C LEU A 156 -8.91 2.62 15.17
N GLU A 157 -9.42 3.85 15.23
CA GLU A 157 -8.54 5.01 15.32
C GLU A 157 -8.68 5.55 16.73
N LEU A 158 -7.56 5.61 17.46
CA LEU A 158 -7.52 6.11 18.86
C LEU A 158 -6.19 6.81 19.26
N PRO A 159 -6.24 7.68 20.30
CA PRO A 159 -5.03 8.27 20.89
C PRO A 159 -3.96 7.27 21.29
N PHE A 160 -2.71 7.61 21.00
CA PHE A 160 -1.56 6.76 21.31
C PHE A 160 -1.51 6.45 22.79
N SER A 161 -1.88 7.47 23.57
CA SER A 161 -1.89 7.40 25.03
C SER A 161 -2.93 6.42 25.54
N GLN A 162 -4.10 6.44 24.90
CA GLN A 162 -5.17 5.50 25.20
C GLN A 162 -4.68 4.09 25.03
N ALA A 163 -4.21 3.78 23.81
CA ALA A 163 -3.66 2.47 23.48
C ALA A 163 -2.66 1.97 24.52
N LEU A 164 -1.88 2.89 25.08
CA LEU A 164 -0.87 2.53 26.08
C LEU A 164 -1.46 2.09 27.41
N GLU A 165 -2.54 2.72 27.84
CA GLU A 165 -3.21 2.32 29.09
C GLU A 165 -3.99 1.04 28.93
N MET A 166 -4.37 0.76 27.69
CA MET A 166 -5.02 -0.51 27.38
C MET A 166 -4.04 -1.68 27.56
N ILE A 167 -2.77 -1.47 27.25
CA ILE A 167 -1.77 -2.48 27.61
C ILE A 167 -1.77 -2.67 29.13
N LYS A 168 -1.85 -1.56 29.85
CA LYS A 168 -1.83 -1.57 31.32
C LYS A 168 -2.96 -2.40 31.99
N THR A 169 -4.17 -2.29 31.43
CA THR A 169 -5.36 -2.89 32.03
C THR A 169 -5.61 -4.29 31.53
N GLY A 170 -5.15 -4.60 30.31
CA GLY A 170 -5.38 -5.91 29.70
C GLY A 170 -6.21 -5.86 28.43
N GLU A 171 -6.88 -4.73 28.20
CA GLU A 171 -7.69 -4.52 27.01
C GLU A 171 -6.91 -4.81 25.72
N ILE A 172 -5.62 -4.47 25.70
CA ILE A 172 -4.71 -4.96 24.68
C ILE A 172 -3.85 -6.08 25.28
N ARG A 173 -3.91 -7.25 24.65
CA ARG A 173 -3.15 -8.40 25.19
C ARG A 173 -2.60 -9.33 24.12
N ASP A 174 -2.19 -8.73 23.03
CA ASP A 174 -1.60 -9.46 21.95
C ASP A 174 -0.14 -9.09 21.98
N GLY A 175 0.76 -9.99 21.60
CA GLY A 175 2.20 -9.75 21.73
C GLY A 175 2.82 -8.81 20.72
N LYS A 176 2.57 -9.04 19.44
CA LYS A 176 3.07 -8.19 18.38
C LYS A 176 2.49 -6.77 18.48
N THR A 177 1.28 -6.66 18.97
CA THR A 177 0.68 -5.35 19.14
C THR A 177 1.33 -4.59 20.29
N VAL A 178 1.73 -5.30 21.35
CA VAL A 178 2.49 -4.67 22.44
C VAL A 178 3.92 -4.25 22.05
N LEU A 179 4.68 -5.11 21.39
CA LEU A 179 5.98 -4.72 20.90
C LEU A 179 5.91 -3.38 20.17
N LEU A 180 5.03 -3.31 19.17
CA LEU A 180 4.90 -2.16 18.29
C LEU A 180 4.54 -0.84 18.99
N LEU A 181 3.57 -0.87 19.91
CA LEU A 181 3.22 0.35 20.64
C LEU A 181 4.38 0.79 21.53
N ASN A 182 5.05 -0.19 22.16
CA ASN A 182 6.20 0.08 23.02
C ASN A 182 7.38 0.68 22.28
N TYR A 183 7.58 0.25 21.03
CA TYR A 183 8.64 0.79 20.18
C TYR A 183 8.33 2.21 19.71
N LEU A 184 7.07 2.45 19.37
CA LEU A 184 6.67 3.80 18.99
C LEU A 184 6.87 4.74 20.16
N GLN A 185 6.65 4.24 21.36
CA GLN A 185 6.78 5.07 22.55
C GLN A 185 8.23 5.53 22.73
N THR A 186 9.12 4.55 22.69
CA THR A 186 10.56 4.72 22.82
C THR A 186 11.22 5.42 21.63
N SER A 187 10.52 5.47 20.51
CA SER A 187 11.05 6.14 19.33
C SER A 187 11.05 7.67 19.45
N HIS A 188 10.16 8.21 20.28
CA HIS A 188 9.87 9.68 20.43
C HIS A 188 9.12 10.31 19.28
N LEU A 189 8.88 9.54 18.22
CA LEU A 189 8.25 10.06 17.03
C LEU A 189 6.94 10.83 17.28
N MET A 190 6.32 10.57 18.42
CA MET A 190 4.99 11.08 18.74
C MET A 190 4.99 12.31 19.63
N ASP A 191 6.18 12.70 20.06
CA ASP A 191 6.33 13.80 21.02
C ASP A 191 6.19 15.16 20.38
N GLN B 3 -20.44 -10.96 17.49
CA GLN B 3 -20.76 -11.06 18.95
C GLN B 3 -21.19 -12.48 19.38
N GLN B 4 -22.20 -13.05 18.71
CA GLN B 4 -22.68 -14.40 19.04
C GLN B 4 -21.85 -15.51 18.38
N ILE B 5 -21.32 -16.41 19.22
CA ILE B 5 -20.38 -17.43 18.79
C ILE B 5 -20.84 -18.80 19.27
N THR B 6 -20.85 -19.74 18.35
CA THR B 6 -21.26 -21.11 18.60
C THR B 6 -20.15 -22.00 18.04
N LEU B 7 -19.68 -22.91 18.87
CA LEU B 7 -18.70 -23.86 18.42
C LEU B 7 -19.45 -25.06 17.86
N ILE B 8 -19.16 -25.43 16.62
CA ILE B 8 -19.92 -26.48 15.94
C ILE B 8 -19.24 -27.82 16.05
N LYS B 9 -17.94 -27.87 15.75
CA LYS B 9 -17.22 -29.11 15.79
C LYS B 9 -15.78 -28.84 16.21
N ASP B 10 -15.30 -29.61 17.19
CA ASP B 10 -13.89 -29.60 17.53
C ASP B 10 -13.25 -30.93 17.16
N LYS B 11 -12.47 -30.93 16.09
CA LYS B 11 -11.87 -32.13 15.59
C LYS B 11 -10.37 -32.17 15.92
N ILE B 12 -9.90 -33.35 16.31
CA ILE B 12 -8.51 -33.56 16.68
C ILE B 12 -7.75 -34.06 15.46
N LEU B 13 -6.82 -33.24 14.98
CA LEU B 13 -6.04 -33.60 13.82
C LEU B 13 -4.80 -34.34 14.28
N SER B 14 -4.27 -33.94 15.44
CA SER B 14 -3.10 -34.60 16.00
C SER B 14 -3.06 -34.43 17.52
N ASP B 15 -2.76 -35.52 18.21
CA ASP B 15 -2.67 -35.51 19.66
C ASP B 15 -1.47 -36.32 20.11
N ASN B 16 -0.35 -36.24 19.38
CA ASN B 16 0.82 -37.09 19.62
C ASN B 16 1.53 -36.70 20.91
N TYR B 17 1.61 -35.37 21.15
CA TYR B 17 2.24 -34.75 22.33
C TYR B 17 1.45 -33.51 22.71
N PHE B 18 1.45 -32.51 21.84
CA PHE B 18 0.57 -31.35 22.00
C PHE B 18 -0.68 -31.60 21.14
N THR B 19 -1.56 -30.61 20.99
CA THR B 19 -2.81 -30.87 20.28
C THR B 19 -3.12 -29.88 19.13
N LEU B 20 -3.38 -30.42 17.96
CA LEU B 20 -3.81 -29.61 16.81
C LEU B 20 -5.31 -29.82 16.53
N HIS B 21 -6.10 -28.77 16.65
CA HIS B 21 -7.55 -28.85 16.51
C HIS B 21 -7.94 -28.21 15.21
N ASN B 22 -9.02 -28.73 14.62
CA ASN B 22 -9.69 -28.07 13.52
C ASN B 22 -11.09 -27.73 13.99
N ILE B 23 -11.30 -26.45 14.19
CA ILE B 23 -12.49 -25.96 14.86
C ILE B 23 -13.40 -25.28 13.89
N THR B 24 -14.66 -25.68 13.95
CA THR B 24 -15.71 -25.11 13.17
C THR B 24 -16.56 -24.28 14.10
N TYR B 25 -16.84 -23.05 13.69
CA TYR B 25 -17.70 -22.20 14.49
C TYR B 25 -18.57 -21.31 13.65
N ASP B 26 -19.73 -21.00 14.19
CA ASP B 26 -20.60 -20.02 13.57
C ASP B 26 -20.37 -18.65 14.20
N LEU B 27 -20.42 -17.62 13.36
CA LEU B 27 -20.20 -16.26 13.79
C LEU B 27 -21.37 -15.40 13.29
N THR B 28 -22.04 -14.72 14.22
CA THR B 28 -23.20 -13.88 13.91
C THR B 28 -22.77 -12.42 13.68
N ARG B 29 -22.94 -11.94 12.46
CA ARG B 29 -22.43 -10.63 12.04
C ARG B 29 -23.20 -9.40 12.51
N LYS B 30 -22.69 -8.25 12.08
CA LYS B 30 -23.28 -6.94 12.31
C LYS B 30 -24.61 -6.81 11.55
N ASP B 31 -25.29 -7.93 11.34
CA ASP B 31 -26.61 -7.97 10.68
C ASP B 31 -27.55 -8.88 11.46
N GLY B 32 -26.96 -9.90 12.08
CA GLY B 32 -27.67 -11.09 12.51
C GLY B 32 -27.32 -12.23 11.57
N GLU B 33 -26.42 -11.94 10.63
CA GLU B 33 -25.99 -12.86 9.59
C GLU B 33 -25.09 -13.96 10.15
N VAL B 34 -25.50 -15.23 10.00
CA VAL B 34 -24.66 -16.34 10.49
C VAL B 34 -23.67 -16.80 9.41
N ILE B 35 -22.37 -16.80 9.73
CA ILE B 35 -21.30 -17.27 8.82
C ILE B 35 -20.38 -18.29 9.49
N ARG B 36 -20.10 -19.37 8.77
CA ARG B 36 -19.38 -20.48 9.33
C ARG B 36 -17.92 -20.47 8.92
N HIS B 37 -17.04 -20.74 9.88
CA HIS B 37 -15.62 -20.81 9.62
C HIS B 37 -15.02 -22.12 10.07
N LYS B 38 -13.91 -22.49 9.44
CA LYS B 38 -13.04 -23.60 9.89
C LYS B 38 -11.62 -23.01 10.15
N ARG B 39 -10.99 -23.35 11.28
CA ARG B 39 -9.68 -22.75 11.65
C ARG B 39 -8.80 -23.78 12.36
N GLU B 40 -7.55 -23.90 11.95
CA GLU B 40 -6.66 -24.79 12.65
C GLU B 40 -6.21 -24.10 13.91
N VAL B 41 -6.36 -24.76 15.06
CA VAL B 41 -5.88 -24.20 16.32
C VAL B 41 -4.92 -25.15 17.02
N TYR B 42 -3.68 -24.70 17.25
CA TYR B 42 -2.64 -25.50 17.90
C TYR B 42 -2.57 -25.11 19.33
N ASP B 43 -2.60 -26.09 20.23
CA ASP B 43 -2.62 -25.84 21.67
C ASP B 43 -1.46 -26.55 22.41
N ARG B 44 -0.42 -25.79 22.75
CA ARG B 44 0.74 -26.34 23.48
C ARG B 44 0.70 -25.96 24.93
N GLY B 45 -0.47 -25.52 25.38
CA GLY B 45 -0.62 -24.96 26.72
C GLY B 45 -0.08 -23.55 26.78
N ASN B 46 0.07 -23.05 28.00
CA ASN B 46 0.57 -21.72 28.23
C ASN B 46 1.95 -21.76 28.92
N GLY B 47 2.66 -20.64 28.88
CA GLY B 47 3.87 -20.48 29.69
C GLY B 47 4.12 -19.14 30.38
N ALA B 48 5.35 -19.01 30.85
CA ALA B 48 5.81 -17.89 31.66
C ALA B 48 7.26 -17.64 31.34
N THR B 49 7.63 -16.37 31.24
CA THR B 49 8.97 -15.96 30.93
C THR B 49 9.38 -14.89 31.95
N ILE B 50 10.68 -14.77 32.22
CA ILE B 50 11.18 -13.82 33.22
C ILE B 50 12.46 -13.17 32.74
N LEU B 51 12.51 -11.84 32.78
CA LEU B 51 13.76 -11.11 32.58
C LEU B 51 14.36 -10.83 33.97
N LEU B 52 15.63 -11.21 34.11
CA LEU B 52 16.36 -10.96 35.35
C LEU B 52 17.29 -9.78 35.12
N TYR B 53 17.21 -8.78 36.01
CA TYR B 53 17.99 -7.55 35.87
C TYR B 53 18.63 -7.08 37.18
N ASN B 54 19.84 -6.55 37.06
CA ASN B 54 20.55 -6.01 38.22
C ASN B 54 20.85 -4.50 38.07
N THR B 55 20.18 -3.67 38.88
CA THR B 55 20.35 -2.20 38.81
C THR B 55 21.75 -1.72 39.17
N LYS B 56 22.40 -2.36 40.13
CA LYS B 56 23.81 -2.07 40.43
C LYS B 56 24.74 -2.24 39.22
N LYS B 57 24.76 -3.44 38.62
CA LYS B 57 25.74 -3.75 37.57
C LYS B 57 25.23 -3.35 36.20
N LYS B 58 23.94 -3.01 36.13
CA LYS B 58 23.23 -2.69 34.89
C LYS B 58 23.38 -3.86 33.90
N THR B 59 23.21 -5.07 34.40
CA THR B 59 23.34 -6.25 33.59
C THR B 59 22.00 -6.91 33.49
N VAL B 60 21.82 -7.76 32.49
CA VAL B 60 20.67 -8.68 32.48
C VAL B 60 21.10 -10.12 32.34
N VAL B 61 20.23 -11.02 32.77
CA VAL B 61 20.49 -12.42 32.52
C VAL B 61 19.49 -12.96 31.52
N LEU B 62 20.06 -13.60 30.49
CA LEU B 62 19.34 -14.27 29.41
C LEU B 62 19.98 -15.64 29.15
N ILE B 63 19.37 -16.40 28.25
CA ILE B 63 19.82 -17.77 27.91
C ILE B 63 19.94 -18.01 26.41
N ARG B 64 20.74 -19.02 26.07
CA ARG B 64 21.00 -19.43 24.69
C ARG B 64 20.83 -20.95 24.64
N GLN B 65 19.82 -21.37 23.88
CA GLN B 65 19.60 -22.80 23.62
C GLN B 65 19.19 -23.00 22.16
N PHE B 66 19.25 -24.25 21.71
CA PHE B 66 18.77 -24.63 20.39
C PHE B 66 17.27 -24.76 20.28
N ARG B 67 16.75 -24.14 19.23
CA ARG B 67 15.32 -24.11 18.94
C ARG B 67 15.06 -24.66 17.55
N VAL B 68 14.67 -25.93 17.44
CA VAL B 68 14.44 -26.55 16.12
C VAL B 68 13.43 -25.81 15.26
N ALA B 69 12.40 -25.28 15.89
CA ALA B 69 11.41 -24.50 15.17
C ALA B 69 12.00 -23.36 14.35
N THR B 70 13.15 -22.83 14.78
CA THR B 70 13.82 -21.75 14.07
C THR B 70 14.86 -22.30 13.11
N TRP B 71 15.54 -23.38 13.52
CA TRP B 71 16.46 -24.12 12.67
C TRP B 71 15.96 -24.38 11.24
N VAL B 72 14.74 -24.86 11.12
CA VAL B 72 14.09 -25.14 9.83
C VAL B 72 13.55 -23.88 9.13
N ASN B 73 13.53 -22.75 9.84
CA ASN B 73 13.02 -21.49 9.29
C ASN B 73 13.99 -20.31 9.46
N GLY B 74 15.23 -20.42 8.97
CA GLY B 74 16.11 -19.25 8.85
C GLY B 74 17.18 -18.94 9.90
N ASN B 75 17.13 -19.64 11.04
CA ASN B 75 18.17 -19.48 12.05
C ASN B 75 19.25 -20.54 11.89
N GLU B 76 20.26 -20.16 11.12
CA GLU B 76 21.27 -21.08 10.62
C GLU B 76 21.70 -22.12 11.67
N SER B 77 22.29 -21.66 12.78
CA SER B 77 22.71 -22.58 13.84
C SER B 77 21.59 -23.04 14.78
N GLY B 78 20.37 -22.55 14.61
CA GLY B 78 19.31 -22.97 15.50
C GLY B 78 19.38 -22.36 16.89
N GLN B 79 20.49 -21.71 17.22
CA GLN B 79 20.71 -21.16 18.55
C GLN B 79 20.03 -19.82 18.71
N LEU B 80 19.43 -19.62 19.87
CA LEU B 80 18.58 -18.48 20.05
C LEU B 80 18.69 -18.00 21.48
N ILE B 81 18.78 -16.68 21.58
CA ILE B 81 18.85 -15.97 22.84
C ILE B 81 17.43 -15.60 23.26
N GLU B 82 17.04 -15.97 24.47
CA GLU B 82 15.70 -15.64 24.97
C GLU B 82 15.77 -15.37 26.45
N SER B 83 14.79 -14.64 26.93
CA SER B 83 14.48 -14.54 28.34
C SER B 83 14.04 -15.91 28.84
N CYS B 84 14.58 -16.34 29.99
CA CYS B 84 14.20 -17.59 30.66
C CYS B 84 12.68 -17.79 30.57
N ALA B 85 12.27 -18.97 30.11
CA ALA B 85 10.85 -19.35 30.06
C ALA B 85 10.65 -20.81 30.30
N GLY B 86 9.45 -21.16 30.77
CA GLY B 86 8.98 -22.56 30.86
C GLY B 86 7.48 -22.67 30.61
N LEU B 87 7.02 -23.87 30.27
CA LEU B 87 5.59 -24.16 30.09
C LEU B 87 4.93 -24.23 31.47
N LEU B 88 3.63 -23.98 31.56
CA LEU B 88 2.93 -24.03 32.86
C LEU B 88 2.91 -25.39 33.57
N ASP B 89 2.67 -26.48 32.84
CA ASP B 89 2.57 -27.84 33.42
C ASP B 89 1.63 -27.94 34.61
N ASN B 90 0.41 -27.41 34.51
CA ASN B 90 -0.56 -27.40 35.61
C ASN B 90 -0.15 -26.52 36.83
N ASP B 91 1.09 -26.00 36.79
CA ASP B 91 1.60 -25.07 37.82
C ASP B 91 1.06 -23.66 37.53
N GLU B 92 0.89 -22.88 38.60
CA GLU B 92 0.57 -21.45 38.52
C GLU B 92 1.73 -20.63 37.97
N PRO B 93 1.41 -19.54 37.25
CA PRO B 93 2.48 -18.80 36.57
C PRO B 93 3.67 -18.46 37.46
N GLU B 94 3.40 -18.01 38.69
CA GLU B 94 4.48 -17.66 39.61
C GLU B 94 5.28 -18.90 40.05
N VAL B 95 4.64 -20.03 40.30
CA VAL B 95 5.40 -21.24 40.69
C VAL B 95 6.23 -21.72 39.51
N CYS B 96 5.58 -21.79 38.37
CA CYS B 96 6.24 -22.13 37.13
C CYS B 96 7.53 -21.31 36.94
N ILE B 97 7.40 -19.99 36.84
CA ILE B 97 8.55 -19.16 36.54
C ILE B 97 9.63 -19.18 37.62
N ARG B 98 9.22 -19.39 38.87
CA ARG B 98 10.21 -19.50 39.92
C ARG B 98 11.05 -20.74 39.62
N LYS B 99 10.38 -21.83 39.26
CA LYS B 99 11.08 -23.09 39.01
C LYS B 99 11.89 -23.04 37.70
N ALA B 100 11.36 -22.30 36.73
CA ALA B 100 12.04 -22.12 35.47
C ALA B 100 13.36 -21.39 35.67
N ALA B 101 13.35 -20.40 36.55
CA ALA B 101 14.52 -19.59 36.81
C ALA B 101 15.65 -20.39 37.42
N ILE B 102 15.37 -21.27 38.38
CA ILE B 102 16.48 -22.01 38.97
C ILE B 102 17.10 -23.05 38.01
N GLU B 103 16.26 -23.81 37.30
CA GLU B 103 16.71 -24.87 36.40
C GLU B 103 17.57 -24.35 35.24
N GLU B 104 17.09 -23.25 34.65
CA GLU B 104 17.70 -22.66 33.46
C GLU B 104 18.80 -21.64 33.76
N THR B 105 18.65 -20.83 34.81
CA THR B 105 19.60 -19.72 35.09
C THR B 105 20.41 -19.88 36.35
N GLY B 106 19.94 -20.72 37.26
CA GLY B 106 20.65 -20.99 38.52
C GLY B 106 20.42 -19.98 39.63
N TYR B 107 19.40 -19.13 39.48
CA TYR B 107 19.07 -18.12 40.47
C TYR B 107 17.73 -18.44 41.15
N GLU B 108 17.69 -18.37 42.48
CA GLU B 108 16.41 -18.44 43.21
C GLU B 108 15.90 -17.02 43.45
N VAL B 109 15.28 -16.42 42.44
CA VAL B 109 14.89 -15.02 42.56
C VAL B 109 13.96 -14.77 43.73
N GLY B 110 14.21 -13.67 44.44
CA GLY B 110 13.40 -13.29 45.58
C GLY B 110 12.08 -12.76 45.10
N GLU B 111 11.98 -11.44 45.01
CA GLU B 111 10.73 -10.80 44.62
C GLU B 111 10.60 -10.80 43.12
N VAL B 112 9.34 -10.83 42.68
CA VAL B 112 8.98 -10.97 41.29
C VAL B 112 7.81 -10.03 40.96
N ARG B 113 7.88 -9.39 39.79
CA ARG B 113 6.77 -8.54 39.32
C ARG B 113 6.10 -9.05 38.03
N LYS B 114 4.76 -8.95 38.01
CA LYS B 114 3.93 -9.44 36.89
C LYS B 114 3.51 -8.32 35.95
N LEU B 115 3.88 -8.42 34.67
CA LEU B 115 3.68 -7.30 33.74
C LEU B 115 2.30 -7.33 33.09
N PHE B 116 2.01 -8.47 32.48
CA PHE B 116 0.78 -8.71 31.73
C PHE B 116 0.80 -10.17 31.22
N GLU B 117 -0.32 -10.61 30.64
CA GLU B 117 -0.41 -11.87 29.93
C GLU B 117 -0.81 -11.62 28.48
N LEU B 118 0.00 -12.09 27.53
CA LEU B 118 -0.21 -11.80 26.12
C LEU B 118 -0.31 -13.07 25.26
N TYR B 119 -1.13 -13.01 24.22
CA TYR B 119 -1.22 -14.10 23.26
C TYR B 119 -0.10 -13.80 22.32
N MET B 120 0.74 -14.78 22.06
CA MET B 120 1.92 -14.56 21.25
C MET B 120 1.67 -14.77 19.76
N SER B 121 0.82 -15.71 19.40
CA SER B 121 0.54 -15.93 18.00
C SER B 121 -0.94 -16.33 17.84
N PRO B 122 -1.85 -15.35 17.94
CA PRO B 122 -3.30 -15.65 18.00
C PRO B 122 -3.94 -16.06 16.67
N GLY B 123 -3.13 -16.35 15.67
CA GLY B 123 -3.67 -16.87 14.40
C GLY B 123 -4.18 -18.25 14.69
N GLY B 124 -3.26 -19.13 15.08
CA GLY B 124 -3.56 -20.53 15.14
C GLY B 124 -2.86 -21.20 16.28
N VAL B 125 -2.47 -20.41 17.26
CA VAL B 125 -1.80 -20.92 18.42
C VAL B 125 -2.51 -20.27 19.57
N THR B 126 -2.74 -21.11 20.56
CA THR B 126 -3.54 -20.85 21.72
C THR B 126 -2.77 -19.97 22.69
N GLU B 127 -1.45 -20.16 22.68
CA GLU B 127 -0.54 -19.81 23.78
C GLU B 127 -0.66 -18.42 24.34
N LEU B 128 -0.65 -18.40 25.66
CA LEU B 128 -0.77 -17.19 26.42
C LEU B 128 0.49 -17.19 27.24
N ILE B 129 1.22 -16.08 27.22
CA ILE B 129 2.45 -16.07 28.01
C ILE B 129 2.31 -15.12 29.18
N HIS B 130 2.72 -15.59 30.36
CA HIS B 130 2.82 -14.74 31.52
C HIS B 130 4.22 -14.09 31.60
N PHE B 131 4.23 -12.75 31.70
CA PHE B 131 5.47 -11.98 31.59
C PHE B 131 5.97 -11.51 32.93
N PHE B 132 7.25 -11.71 33.17
CA PHE B 132 7.81 -11.30 34.44
C PHE B 132 9.15 -10.60 34.36
N ILE B 133 9.44 -9.86 35.41
CA ILE B 133 10.76 -9.31 35.69
C ILE B 133 11.06 -9.44 37.19
N ALA B 134 12.34 -9.42 37.54
CA ALA B 134 12.76 -9.47 38.92
C ALA B 134 14.24 -9.19 38.99
N GLU B 135 14.67 -8.52 40.05
CA GLU B 135 16.08 -8.25 40.23
C GLU B 135 16.85 -9.51 40.67
N TYR B 136 18.12 -9.62 40.28
CA TYR B 136 18.93 -10.77 40.71
C TYR B 136 20.28 -10.36 41.30
N SER B 137 20.84 -11.23 42.14
CA SER B 137 22.17 -11.03 42.69
C SER B 137 22.92 -12.35 42.82
N ASP B 138 24.25 -12.31 42.80
CA ASP B 138 25.07 -13.51 43.06
C ASP B 138 24.64 -14.26 44.31
N ASN B 139 24.18 -13.50 45.31
CA ASN B 139 23.67 -14.07 46.57
C ASN B 139 22.39 -14.86 46.39
N GLN B 140 21.86 -14.88 45.17
CA GLN B 140 20.68 -15.68 44.85
C GLN B 140 21.02 -16.94 44.03
N ARG B 141 22.20 -16.96 43.42
CA ARG B 141 22.74 -18.12 42.67
C ARG B 141 22.95 -19.37 43.58
N ALA B 142 22.91 -20.57 42.97
CA ALA B 142 23.23 -21.84 43.68
C ALA B 142 24.05 -22.82 42.83
N ASN B 143 23.59 -23.05 41.60
CA ASN B 143 24.35 -23.75 40.57
C ASN B 143 24.35 -22.88 39.28
N ALA B 144 24.75 -23.43 38.14
CA ALA B 144 25.00 -22.63 36.93
C ALA B 144 24.17 -23.00 35.68
N GLY B 145 22.95 -23.49 35.92
CA GLY B 145 22.12 -24.10 34.89
C GLY B 145 22.30 -25.60 34.89
N GLY B 146 21.20 -26.32 35.06
CA GLY B 146 21.19 -27.80 34.99
C GLY B 146 20.48 -28.25 33.72
N GLY B 147 20.06 -29.52 33.71
CA GLY B 147 19.31 -30.08 32.59
C GLY B 147 18.04 -30.76 33.03
N VAL B 148 16.90 -30.11 32.75
CA VAL B 148 15.57 -30.55 33.18
C VAL B 148 15.17 -31.91 32.55
N GLU B 151 18.20 -31.33 28.71
CA GLU B 151 18.63 -30.02 28.21
C GLU B 151 20.05 -29.62 28.64
N ASP B 152 20.70 -28.82 27.77
CA ASP B 152 21.88 -28.06 28.16
C ASP B 152 21.78 -26.68 27.57
N ILE B 153 21.42 -25.75 28.45
CA ILE B 153 21.15 -24.38 28.15
C ILE B 153 22.41 -23.64 28.57
N GLU B 154 22.69 -22.52 27.89
CA GLU B 154 23.81 -21.64 28.24
C GLU B 154 23.33 -20.34 28.88
N VAL B 155 24.00 -19.90 29.95
CA VAL B 155 23.61 -18.69 30.67
C VAL B 155 24.47 -17.49 30.32
N LEU B 156 23.85 -16.52 29.64
CA LEU B 156 24.48 -15.28 29.27
C LEU B 156 24.11 -14.15 30.23
N GLU B 157 25.10 -13.65 30.97
CA GLU B 157 24.95 -12.36 31.63
C GLU B 157 25.55 -11.33 30.71
N LEU B 158 24.88 -10.19 30.59
CA LEU B 158 25.43 -9.16 29.74
C LEU B 158 24.99 -7.77 30.08
N PRO B 159 25.83 -6.78 29.70
CA PRO B 159 25.47 -5.39 29.86
C PRO B 159 24.12 -5.12 29.22
N PHE B 160 23.21 -4.60 30.01
CA PHE B 160 21.92 -4.19 29.54
C PHE B 160 21.99 -3.15 28.44
N SER B 161 23.13 -2.52 28.21
CA SER B 161 23.24 -1.66 27.04
C SER B 161 23.46 -2.52 25.80
N GLN B 162 24.15 -3.63 26.00
CA GLN B 162 24.50 -4.53 24.92
C GLN B 162 23.24 -5.28 24.45
N ALA B 163 22.44 -5.78 25.39
CA ALA B 163 21.24 -6.50 25.04
C ALA B 163 20.34 -5.65 24.09
N LEU B 164 20.14 -4.38 24.43
CA LEU B 164 19.42 -3.45 23.58
C LEU B 164 20.05 -3.29 22.21
N GLU B 165 21.37 -3.18 22.16
CA GLU B 165 22.14 -3.15 20.91
C GLU B 165 21.79 -4.36 20.04
N MET B 166 21.70 -5.53 20.67
CA MET B 166 21.60 -6.80 19.96
C MET B 166 20.21 -6.95 19.33
N ILE B 167 19.21 -6.35 19.96
CA ILE B 167 17.89 -6.24 19.36
C ILE B 167 17.97 -5.45 18.07
N LYS B 168 18.88 -4.49 17.97
CA LYS B 168 18.96 -3.67 16.77
C LYS B 168 19.78 -4.35 15.68
N THR B 169 20.75 -5.16 16.08
CA THR B 169 21.54 -5.92 15.11
C THR B 169 20.79 -7.14 14.65
N GLY B 170 19.64 -7.37 15.30
CA GLY B 170 18.86 -8.59 15.13
C GLY B 170 19.57 -9.81 15.70
N GLU B 171 20.57 -9.61 16.55
CA GLU B 171 21.22 -10.71 17.24
C GLU B 171 20.24 -11.30 18.28
N ILE B 172 19.38 -10.44 18.80
CA ILE B 172 18.24 -10.85 19.61
C ILE B 172 17.02 -10.70 18.67
N ARG B 173 16.23 -11.77 18.56
CA ARG B 173 15.23 -11.93 17.49
C ARG B 173 14.07 -12.83 17.96
N ASP B 174 13.81 -12.81 19.26
CA ASP B 174 12.74 -13.55 19.90
C ASP B 174 11.67 -12.62 20.54
N GLY B 175 10.41 -12.93 20.29
CA GLY B 175 9.35 -12.00 20.62
C GLY B 175 9.25 -11.61 22.07
N LYS B 176 9.44 -12.56 22.96
CA LYS B 176 9.16 -12.34 24.37
C LYS B 176 10.32 -11.66 25.03
N THR B 177 11.52 -11.88 24.50
CA THR B 177 12.75 -11.27 24.97
C THR B 177 12.75 -9.77 24.64
N VAL B 178 12.46 -9.41 23.39
CA VAL B 178 12.43 -7.99 22.97
C VAL B 178 11.46 -7.21 23.85
N LEU B 179 10.20 -7.61 23.86
CA LEU B 179 9.22 -7.08 24.80
C LEU B 179 9.80 -6.86 26.18
N LEU B 180 10.45 -7.89 26.72
CA LEU B 180 10.91 -7.81 28.08
C LEU B 180 11.95 -6.72 28.23
N LEU B 181 12.96 -6.79 27.36
CA LEU B 181 13.97 -5.76 27.28
C LEU B 181 13.39 -4.35 27.02
N ASN B 182 12.45 -4.25 26.08
CA ASN B 182 11.86 -2.96 25.77
C ASN B 182 11.07 -2.39 26.94
N TYR B 183 10.27 -3.23 27.60
CA TYR B 183 9.50 -2.76 28.74
C TYR B 183 10.38 -2.26 29.86
N LEU B 184 11.43 -3.02 30.16
CA LEU B 184 12.38 -2.64 31.20
C LEU B 184 12.97 -1.26 30.94
N GLN B 185 13.40 -1.03 29.70
CA GLN B 185 13.87 0.28 29.28
C GLN B 185 12.84 1.38 29.57
N THR B 186 11.66 1.28 28.98
CA THR B 186 10.54 2.21 29.21
C THR B 186 10.22 2.46 30.69
N SER B 187 10.43 1.44 31.53
CA SER B 187 10.15 1.50 32.97
C SER B 187 11.19 2.30 33.70
N HIS B 188 12.35 2.48 33.05
CA HIS B 188 13.45 3.31 33.55
C HIS B 188 14.20 2.78 34.77
N LEU B 189 13.73 1.70 35.40
CA LEU B 189 14.40 1.20 36.59
C LEU B 189 15.91 1.02 36.36
N MET B 190 16.34 1.07 35.11
CA MET B 190 17.75 0.86 34.80
C MET B 190 18.57 2.15 34.62
N ASP B 191 17.97 3.30 34.95
CA ASP B 191 18.70 4.58 34.93
C ASP B 191 19.24 4.89 36.33
N THR C 2 1.73 0.17 -39.56
CA THR C 2 2.63 -0.17 -38.42
C THR C 2 4.06 -0.34 -38.97
N GLN C 3 4.54 0.76 -39.55
CA GLN C 3 5.82 0.84 -40.25
C GLN C 3 5.68 1.97 -41.28
N GLN C 4 4.94 1.69 -42.36
CA GLN C 4 4.62 2.69 -43.36
C GLN C 4 3.28 3.31 -43.06
N ILE C 5 3.28 4.63 -42.86
CA ILE C 5 2.05 5.40 -42.87
C ILE C 5 2.13 6.33 -44.05
N THR C 6 1.09 6.31 -44.86
CA THR C 6 0.93 7.29 -45.92
C THR C 6 -0.37 8.03 -45.62
N LEU C 7 -0.27 9.34 -45.59
CA LEU C 7 -1.45 10.17 -45.48
C LEU C 7 -2.16 10.14 -46.82
N ILE C 8 -3.41 9.71 -46.84
CA ILE C 8 -4.13 9.65 -48.10
C ILE C 8 -4.97 10.90 -48.33
N LYS C 9 -5.73 11.31 -47.33
CA LYS C 9 -6.52 12.53 -47.45
C LYS C 9 -6.63 13.20 -46.09
N ASP C 10 -6.56 14.53 -46.13
CA ASP C 10 -6.76 15.40 -45.00
C ASP C 10 -7.92 16.34 -45.32
N LYS C 11 -9.06 16.06 -44.71
CA LYS C 11 -10.26 16.80 -45.01
C LYS C 11 -10.64 17.69 -43.84
N ILE C 12 -11.06 18.91 -44.13
CA ILE C 12 -11.47 19.83 -43.06
C ILE C 12 -12.97 19.79 -42.80
N LEU C 13 -13.34 19.28 -41.65
CA LEU C 13 -14.74 19.11 -41.34
C LEU C 13 -15.32 20.40 -40.82
N SER C 14 -14.51 21.12 -40.05
CA SER C 14 -14.92 22.38 -39.45
C SER C 14 -13.62 23.13 -39.12
N ASP C 15 -13.59 24.43 -39.42
CA ASP C 15 -12.49 25.33 -39.09
C ASP C 15 -13.00 26.67 -38.55
N ASN C 16 -13.94 26.63 -37.61
CA ASN C 16 -14.58 27.88 -37.28
C ASN C 16 -13.68 28.60 -36.34
N TYR C 17 -13.20 27.89 -35.34
CA TYR C 17 -12.27 28.48 -34.39
C TYR C 17 -11.02 27.60 -34.31
N PHE C 18 -11.20 26.33 -33.98
CA PHE C 18 -10.11 25.35 -34.04
C PHE C 18 -10.45 24.44 -35.20
N THR C 19 -9.67 23.38 -35.40
CA THR C 19 -9.75 22.66 -36.66
C THR C 19 -10.03 21.17 -36.49
N LEU C 20 -11.14 20.73 -37.04
CA LEU C 20 -11.50 19.31 -37.09
C LEU C 20 -11.19 18.74 -38.47
N HIS C 21 -10.42 17.68 -38.47
CA HIS C 21 -9.98 17.08 -39.71
C HIS C 21 -10.65 15.71 -39.79
N ASN C 22 -10.78 15.20 -40.99
CA ASN C 22 -11.02 13.81 -41.14
C ASN C 22 -9.83 13.37 -41.94
N ILE C 23 -9.15 12.35 -41.42
CA ILE C 23 -7.88 11.93 -41.99
C ILE C 23 -7.94 10.48 -42.44
N THR C 24 -7.64 10.28 -43.72
CA THR C 24 -7.55 8.95 -44.30
C THR C 24 -6.09 8.56 -44.37
N TYR C 25 -5.79 7.38 -43.85
CA TYR C 25 -4.42 6.92 -43.91
C TYR C 25 -4.35 5.45 -44.15
N ASP C 26 -3.32 5.05 -44.87
CA ASP C 26 -3.02 3.64 -45.11
C ASP C 26 -1.99 3.18 -44.08
N LEU C 27 -2.29 2.10 -43.38
CA LEU C 27 -1.34 1.48 -42.46
C LEU C 27 -0.98 0.10 -42.99
N THR C 28 0.32 -0.13 -43.13
CA THR C 28 0.84 -1.39 -43.62
C THR C 28 1.18 -2.30 -42.42
N ARG C 29 0.29 -3.24 -42.08
CA ARG C 29 0.53 -4.23 -41.00
C ARG C 29 1.93 -4.86 -41.09
N LYS C 30 2.38 -5.47 -39.98
CA LYS C 30 3.72 -6.08 -39.89
C LYS C 30 3.97 -7.17 -40.94
N ASP C 31 2.89 -7.79 -41.41
CA ASP C 31 2.97 -8.87 -42.42
C ASP C 31 2.83 -8.44 -43.91
N GLY C 32 2.78 -7.13 -44.17
CA GLY C 32 2.75 -6.59 -45.54
C GLY C 32 1.40 -6.19 -46.12
N GLU C 33 0.34 -6.49 -45.37
CA GLU C 33 -1.02 -6.09 -45.71
C GLU C 33 -1.08 -4.55 -45.62
N VAL C 34 -1.81 -3.91 -46.53
CA VAL C 34 -2.06 -2.45 -46.47
C VAL C 34 -3.53 -2.18 -46.18
N ILE C 35 -3.80 -1.50 -45.07
CA ILE C 35 -5.17 -1.23 -44.62
C ILE C 35 -5.45 0.27 -44.44
N ARG C 36 -6.56 0.69 -45.04
CA ARG C 36 -6.97 2.05 -45.07
C ARG C 36 -7.86 2.35 -43.87
N HIS C 37 -7.50 3.40 -43.12
CA HIS C 37 -8.22 3.87 -41.94
C HIS C 37 -8.69 5.32 -42.09
N LYS C 38 -9.75 5.66 -41.38
CA LYS C 38 -10.36 6.97 -41.42
C LYS C 38 -10.65 7.41 -39.98
N ARG C 39 -10.00 8.48 -39.52
CA ARG C 39 -10.21 8.97 -38.16
C ARG C 39 -10.54 10.45 -38.13
N GLU C 40 -11.35 10.84 -37.15
CA GLU C 40 -11.49 12.24 -36.82
C GLU C 40 -10.27 12.64 -36.00
N VAL C 41 -9.61 13.73 -36.40
CA VAL C 41 -8.57 14.39 -35.58
C VAL C 41 -8.92 15.85 -35.37
N TYR C 42 -9.02 16.25 -34.10
CA TYR C 42 -9.30 17.62 -33.70
C TYR C 42 -8.00 18.28 -33.26
N ASP C 43 -7.72 19.45 -33.84
CA ASP C 43 -6.52 20.22 -33.58
C ASP C 43 -6.83 21.58 -32.96
N ARG C 44 -6.55 21.70 -31.67
CA ARG C 44 -6.72 22.98 -30.97
C ARG C 44 -5.37 23.52 -30.51
N GLY C 45 -4.32 23.16 -31.24
CA GLY C 45 -2.95 23.50 -30.83
C GLY C 45 -2.57 22.85 -29.50
N ASN C 46 -1.47 23.34 -28.96
CA ASN C 46 -0.87 22.83 -27.75
C ASN C 46 -0.93 23.86 -26.61
N GLY C 47 -0.53 23.43 -25.42
CA GLY C 47 -0.46 24.35 -24.31
C GLY C 47 0.51 23.89 -23.26
N ALA C 48 0.47 24.60 -22.14
CA ALA C 48 1.38 24.36 -21.04
C ALA C 48 0.64 24.57 -19.72
N THR C 49 1.14 23.95 -18.66
CA THR C 49 0.51 24.02 -17.35
C THR C 49 1.61 23.94 -16.32
N ILE C 50 1.32 24.47 -15.14
CA ILE C 50 2.31 24.58 -14.09
C ILE C 50 1.66 24.46 -12.73
N LEU C 51 2.27 23.66 -11.86
CA LEU C 51 1.90 23.63 -10.44
C LEU C 51 2.82 24.56 -9.65
N LEU C 52 2.22 25.45 -8.87
CA LEU C 52 2.97 26.35 -8.00
C LEU C 52 3.02 25.79 -6.58
N TYR C 53 4.23 25.60 -6.08
CA TYR C 53 4.40 24.92 -4.77
C TYR C 53 5.33 25.67 -3.83
N ASN C 54 4.97 25.73 -2.55
CA ASN C 54 5.82 26.35 -1.52
C ASN C 54 6.31 25.34 -0.48
N THR C 55 7.62 25.07 -0.42
CA THR C 55 8.14 24.07 0.55
C THR C 55 8.07 24.49 2.02
N LYS C 56 8.16 25.78 2.31
CA LYS C 56 8.13 26.23 3.70
C LYS C 56 6.78 25.92 4.32
N LYS C 57 5.72 26.46 3.73
CA LYS C 57 4.39 26.29 4.32
C LYS C 57 3.62 25.11 3.76
N LYS C 58 4.23 24.41 2.80
CA LYS C 58 3.66 23.20 2.21
C LYS C 58 2.34 23.50 1.50
N THR C 59 2.37 24.48 0.59
CA THR C 59 1.12 24.86 -0.08
C THR C 59 1.24 24.78 -1.58
N VAL C 60 0.09 24.76 -2.23
CA VAL C 60 0.01 24.84 -3.68
C VAL C 60 -1.04 25.86 -4.04
N VAL C 61 -0.78 26.54 -5.15
CA VAL C 61 -1.74 27.43 -5.74
C VAL C 61 -2.35 26.73 -6.94
N LEU C 62 -3.68 26.72 -6.95
CA LEU C 62 -4.44 26.13 -8.03
C LEU C 62 -5.50 27.13 -8.41
N ILE C 63 -6.25 26.81 -9.46
CA ILE C 63 -7.17 27.73 -10.12
C ILE C 63 -8.57 27.09 -10.17
N ARG C 64 -9.64 27.89 -10.09
CA ARG C 64 -11.02 27.39 -10.25
C ARG C 64 -11.69 28.28 -11.26
N GLN C 65 -12.25 27.68 -12.32
CA GLN C 65 -12.93 28.42 -13.35
C GLN C 65 -13.96 27.55 -14.03
N PHE C 66 -14.94 28.21 -14.64
CA PHE C 66 -15.98 27.57 -15.40
C PHE C 66 -15.46 26.98 -16.70
N ARG C 67 -15.60 25.66 -16.80
CA ARG C 67 -15.20 24.86 -17.97
C ARG C 67 -16.41 24.26 -18.69
N VAL C 68 -16.92 24.94 -19.71
CA VAL C 68 -18.16 24.54 -20.34
C VAL C 68 -18.20 23.10 -20.90
N ALA C 69 -17.10 22.61 -21.48
CA ALA C 69 -17.01 21.19 -21.87
C ALA C 69 -17.29 20.13 -20.73
N THR C 70 -17.23 20.53 -19.45
CA THR C 70 -17.51 19.63 -18.34
C THR C 70 -18.94 19.87 -17.83
N TRP C 71 -19.45 21.08 -18.08
CA TRP C 71 -20.78 21.47 -17.69
C TRP C 71 -21.84 20.60 -18.38
N VAL C 72 -21.57 20.30 -19.64
CA VAL C 72 -22.43 19.46 -20.48
C VAL C 72 -22.21 17.94 -20.28
N ASN C 73 -21.22 17.56 -19.49
CA ASN C 73 -20.88 16.14 -19.30
C ASN C 73 -20.60 15.76 -17.85
N GLY C 74 -21.59 15.94 -16.97
CA GLY C 74 -21.42 15.48 -15.60
C GLY C 74 -21.10 16.51 -14.53
N ASN C 75 -20.35 17.58 -14.87
CA ASN C 75 -19.97 18.60 -13.88
C ASN C 75 -21.09 19.57 -13.65
N GLU C 76 -21.77 19.37 -12.54
CA GLU C 76 -23.02 20.07 -12.23
C GLU C 76 -22.87 21.58 -12.37
N SER C 77 -21.96 22.18 -11.60
CA SER C 77 -21.77 23.65 -11.65
C SER C 77 -20.89 24.09 -12.83
N GLY C 78 -20.10 23.19 -13.37
CA GLY C 78 -19.18 23.57 -14.41
C GLY C 78 -17.87 24.12 -13.88
N GLN C 79 -17.79 24.31 -12.58
CA GLN C 79 -16.59 24.89 -11.99
C GLN C 79 -15.51 23.81 -11.90
N LEU C 80 -14.30 24.15 -12.29
CA LEU C 80 -13.29 23.15 -12.29
C LEU C 80 -12.05 23.62 -11.57
N ILE C 81 -11.61 22.82 -10.62
CA ILE C 81 -10.36 23.08 -9.91
C ILE C 81 -9.27 22.43 -10.75
N GLU C 82 -8.23 23.21 -11.03
CA GLU C 82 -7.29 23.00 -12.10
C GLU C 82 -5.95 23.70 -11.87
N SER C 83 -4.87 23.09 -12.36
CA SER C 83 -3.58 23.75 -12.38
C SER C 83 -3.53 24.79 -13.49
N CYS C 84 -2.92 25.92 -13.18
CA CYS C 84 -2.74 27.02 -14.11
C CYS C 84 -2.24 26.48 -15.45
N ALA C 85 -2.82 26.95 -16.54
CA ALA C 85 -2.41 26.54 -17.89
C ALA C 85 -2.94 27.53 -18.89
N GLY C 86 -2.40 27.48 -20.11
CA GLY C 86 -2.87 28.34 -21.19
C GLY C 86 -2.45 27.75 -22.53
N LEU C 87 -3.13 28.16 -23.59
CA LEU C 87 -2.74 27.73 -24.91
C LEU C 87 -1.40 28.35 -25.18
N LEU C 88 -0.52 27.63 -25.88
CA LEU C 88 0.73 28.23 -26.37
C LEU C 88 0.51 29.55 -27.12
N ASP C 89 -0.59 29.63 -27.87
CA ASP C 89 -0.73 30.63 -28.92
C ASP C 89 0.57 30.58 -29.70
N ASN C 90 1.30 31.66 -29.87
CA ASN C 90 2.54 31.53 -30.61
C ASN C 90 3.83 31.46 -29.77
N ASP C 91 3.67 31.39 -28.44
CA ASP C 91 4.81 31.52 -27.53
C ASP C 91 5.41 30.16 -27.35
N GLU C 92 6.67 30.12 -26.95
CA GLU C 92 7.33 28.89 -26.56
C GLU C 92 6.77 28.47 -25.22
N PRO C 93 6.87 27.16 -24.88
CA PRO C 93 6.28 26.68 -23.61
C PRO C 93 6.59 27.53 -22.37
N GLU C 94 7.86 27.84 -22.11
CA GLU C 94 8.18 28.58 -20.93
C GLU C 94 7.60 29.99 -20.93
N VAL C 95 7.83 30.73 -22.02
CA VAL C 95 7.27 32.08 -22.18
C VAL C 95 5.76 32.03 -21.96
N CYS C 96 5.11 31.06 -22.58
CA CYS C 96 3.69 30.83 -22.42
C CYS C 96 3.33 30.73 -20.94
N ILE C 97 3.92 29.75 -20.26
CA ILE C 97 3.51 29.41 -18.90
C ILE C 97 3.81 30.54 -17.89
N ARG C 98 4.79 31.37 -18.23
CA ARG C 98 5.08 32.52 -17.40
C ARG C 98 3.96 33.53 -17.53
N LYS C 99 3.62 33.89 -18.77
CA LYS C 99 2.46 34.74 -19.11
C LYS C 99 1.19 34.28 -18.35
N ALA C 100 0.97 32.97 -18.34
CA ALA C 100 -0.17 32.33 -17.74
C ALA C 100 -0.14 32.37 -16.20
N ALA C 101 1.04 32.15 -15.62
CA ALA C 101 1.13 32.25 -14.18
C ALA C 101 0.75 33.65 -13.70
N ILE C 102 1.29 34.66 -14.39
CA ILE C 102 1.04 36.04 -13.96
C ILE C 102 -0.44 36.40 -14.05
N GLU C 103 -1.09 35.94 -15.10
CA GLU C 103 -2.43 36.42 -15.41
C GLU C 103 -3.51 35.67 -14.65
N GLU C 104 -3.34 34.37 -14.51
CA GLU C 104 -4.31 33.55 -13.80
C GLU C 104 -4.08 33.54 -12.28
N THR C 105 -2.83 33.32 -11.85
CA THR C 105 -2.53 33.15 -10.42
C THR C 105 -2.11 34.46 -9.79
N GLY C 106 -1.47 35.33 -10.56
CA GLY C 106 -1.05 36.64 -10.05
C GLY C 106 0.35 36.62 -9.45
N TYR C 107 1.04 35.49 -9.60
CA TYR C 107 2.41 35.33 -9.17
C TYR C 107 3.34 35.42 -10.35
N GLU C 108 4.43 36.17 -10.19
CA GLU C 108 5.49 36.18 -11.18
C GLU C 108 6.58 35.20 -10.76
N VAL C 109 6.43 33.99 -11.27
CA VAL C 109 7.29 32.85 -11.00
C VAL C 109 8.78 33.11 -11.23
N GLY C 110 9.62 32.59 -10.33
CA GLY C 110 11.07 32.64 -10.48
C GLY C 110 11.56 31.58 -11.47
N GLU C 111 12.35 30.62 -10.99
CA GLU C 111 12.87 29.53 -11.82
C GLU C 111 11.76 28.53 -11.97
N VAL C 112 11.69 27.89 -13.14
CA VAL C 112 10.72 26.82 -13.41
C VAL C 112 11.46 25.54 -13.75
N ARG C 113 10.85 24.41 -13.44
CA ARG C 113 11.36 23.13 -13.85
C ARG C 113 10.34 22.46 -14.77
N LYS C 114 10.77 22.17 -15.99
CA LYS C 114 9.94 21.43 -16.92
C LYS C 114 10.01 19.94 -16.60
N LEU C 115 8.86 19.30 -16.55
CA LEU C 115 8.77 17.88 -16.23
C LEU C 115 8.87 17.03 -17.50
N PHE C 116 7.85 17.13 -18.35
CA PHE C 116 7.70 16.36 -19.58
C PHE C 116 6.65 17.02 -20.46
N GLU C 117 6.37 16.39 -21.60
CA GLU C 117 5.36 16.88 -22.52
C GLU C 117 4.54 15.72 -23.04
N LEU C 118 3.24 15.77 -22.77
CA LEU C 118 2.39 14.61 -22.91
C LEU C 118 1.18 14.89 -23.72
N TYR C 119 0.76 13.88 -24.50
CA TYR C 119 -0.52 13.94 -25.24
C TYR C 119 -1.66 13.60 -24.32
N MET C 120 -2.64 14.49 -24.21
CA MET C 120 -3.65 14.32 -23.15
C MET C 120 -4.81 13.48 -23.57
N SER C 121 -5.05 13.39 -24.87
CA SER C 121 -6.18 12.65 -25.37
C SER C 121 -5.89 12.19 -26.79
N PRO C 122 -4.98 11.22 -26.96
CA PRO C 122 -4.36 10.99 -28.28
C PRO C 122 -5.27 10.25 -29.27
N GLY C 123 -6.46 9.86 -28.82
CA GLY C 123 -7.43 9.21 -29.69
C GLY C 123 -8.02 10.16 -30.72
N GLY C 124 -8.52 11.30 -30.28
CA GLY C 124 -9.23 12.20 -31.19
C GLY C 124 -8.61 13.57 -31.31
N VAL C 125 -7.63 13.85 -30.46
CA VAL C 125 -7.16 15.22 -30.24
C VAL C 125 -5.64 15.25 -30.32
N THR C 126 -5.05 16.26 -30.98
CA THR C 126 -3.58 16.30 -31.17
C THR C 126 -2.81 16.81 -29.97
N GLU C 127 -3.55 17.45 -29.07
CA GLU C 127 -3.00 18.13 -27.91
C GLU C 127 -1.80 17.51 -27.21
N LEU C 128 -0.79 18.32 -26.99
CA LEU C 128 0.40 17.96 -26.25
C LEU C 128 0.44 19.03 -25.20
N ILE C 129 0.53 18.65 -23.93
CA ILE C 129 0.72 19.62 -22.88
C ILE C 129 2.17 19.60 -22.38
N HIS C 130 2.76 20.79 -22.22
CA HIS C 130 4.05 20.89 -21.60
C HIS C 130 3.89 21.11 -20.09
N PHE C 131 4.49 20.23 -19.29
CA PHE C 131 4.30 20.24 -17.84
C PHE C 131 5.43 20.96 -17.07
N PHE C 132 5.05 21.93 -16.23
CA PHE C 132 6.00 22.69 -15.40
C PHE C 132 5.69 22.67 -13.91
N ILE C 133 6.72 22.72 -13.07
CA ILE C 133 6.55 23.02 -11.66
C ILE C 133 7.42 24.21 -11.32
N ALA C 134 7.04 24.91 -10.25
CA ALA C 134 7.81 26.04 -9.78
C ALA C 134 7.41 26.43 -8.37
N GLU C 135 8.37 27.00 -7.63
CA GLU C 135 8.14 27.52 -6.29
C GLU C 135 7.56 28.95 -6.29
N TYR C 136 6.62 29.20 -5.39
CA TYR C 136 6.02 30.53 -5.21
C TYR C 136 6.21 31.05 -3.77
N SER C 137 6.18 32.38 -3.64
CA SER C 137 6.03 33.09 -2.38
C SER C 137 5.38 34.46 -2.60
N ASP C 138 4.77 35.00 -1.53
CA ASP C 138 3.87 36.14 -1.62
C ASP C 138 4.61 37.42 -1.89
N ASN C 139 5.89 37.25 -2.18
CA ASN C 139 6.72 38.33 -2.67
C ASN C 139 6.56 38.49 -4.16
N GLN C 140 6.04 37.46 -4.83
CA GLN C 140 5.89 37.46 -6.29
C GLN C 140 4.64 38.10 -6.81
N ARG C 141 3.56 38.10 -6.03
CA ARG C 141 2.28 38.64 -6.50
C ARG C 141 2.24 40.17 -6.83
N ALA C 142 2.80 40.98 -5.94
CA ALA C 142 2.74 42.46 -6.00
C ALA C 142 1.99 43.06 -7.20
N GLU C 151 -10.95 35.11 -16.33
CA GLU C 151 -12.08 36.04 -16.17
C GLU C 151 -13.47 35.33 -16.14
N ASP C 152 -13.97 34.92 -14.95
CA ASP C 152 -13.26 35.14 -13.67
C ASP C 152 -12.58 33.85 -13.24
N ILE C 153 -11.31 33.99 -12.90
CA ILE C 153 -10.60 32.87 -12.39
C ILE C 153 -10.34 33.05 -10.89
N GLU C 154 -10.97 32.19 -10.09
CA GLU C 154 -10.75 32.22 -8.65
C GLU C 154 -9.44 31.52 -8.36
N VAL C 155 -8.63 32.12 -7.50
CA VAL C 155 -7.29 31.64 -7.20
C VAL C 155 -7.34 30.98 -5.85
N LEU C 156 -6.83 29.75 -5.81
CA LEU C 156 -6.94 28.89 -4.65
C LEU C 156 -5.59 28.51 -4.12
N GLU C 157 -5.43 28.72 -2.83
CA GLU C 157 -4.15 28.49 -2.23
C GLU C 157 -4.35 27.60 -1.05
N LEU C 158 -4.38 26.29 -1.30
CA LEU C 158 -4.66 25.35 -0.24
C LEU C 158 -3.42 24.57 0.21
N PRO C 159 -3.50 23.91 1.39
CA PRO C 159 -2.43 23.02 1.81
C PRO C 159 -2.30 21.81 0.89
N PHE C 160 -1.08 21.43 0.55
CA PHE C 160 -0.80 20.22 -0.24
C PHE C 160 -1.52 18.98 0.28
N SER C 161 -1.54 18.79 1.60
CA SER C 161 -2.26 17.63 2.13
C SER C 161 -3.73 17.69 1.72
N GLN C 162 -4.30 18.89 1.58
CA GLN C 162 -5.72 19.00 1.24
C GLN C 162 -5.99 18.78 -0.25
N ALA C 163 -5.08 19.25 -1.09
CA ALA C 163 -5.14 18.94 -2.51
C ALA C 163 -5.28 17.43 -2.75
N LEU C 164 -4.42 16.63 -2.11
CA LEU C 164 -4.44 15.17 -2.21
C LEU C 164 -5.70 14.47 -1.64
N GLU C 165 -6.30 14.99 -0.59
CA GLU C 165 -7.62 14.45 -0.25
C GLU C 165 -8.67 14.82 -1.27
N MET C 166 -8.57 16.02 -1.84
CA MET C 166 -9.56 16.47 -2.85
C MET C 166 -9.57 15.57 -4.08
N ILE C 167 -8.43 14.94 -4.36
CA ILE C 167 -8.36 13.93 -5.41
C ILE C 167 -9.19 12.71 -4.99
N LYS C 168 -8.93 12.17 -3.80
CA LYS C 168 -9.69 11.05 -3.31
C LYS C 168 -11.20 11.31 -3.17
N THR C 169 -11.59 12.55 -2.88
CA THR C 169 -13.01 12.90 -2.78
C THR C 169 -13.59 13.14 -4.17
N GLY C 170 -12.73 13.56 -5.09
CA GLY C 170 -13.19 13.88 -6.42
C GLY C 170 -13.48 15.35 -6.62
N GLU C 171 -13.18 16.19 -5.62
CA GLU C 171 -13.25 17.65 -5.79
C GLU C 171 -12.22 18.09 -6.83
N ILE C 172 -11.19 17.29 -7.03
CA ILE C 172 -10.17 17.56 -8.05
C ILE C 172 -10.20 16.36 -8.97
N ARG C 173 -10.67 16.60 -10.20
CA ARG C 173 -11.01 15.55 -11.15
C ARG C 173 -10.52 15.95 -12.53
N ASP C 174 -9.33 16.55 -12.52
CA ASP C 174 -8.68 17.02 -13.70
C ASP C 174 -7.28 16.38 -13.95
N GLY C 175 -7.09 15.93 -15.17
CA GLY C 175 -6.02 15.02 -15.54
C GLY C 175 -4.65 15.59 -15.31
N LYS C 176 -4.42 16.79 -15.81
CA LYS C 176 -3.14 17.42 -15.66
C LYS C 176 -2.77 17.78 -14.24
N THR C 177 -3.80 18.13 -13.45
CA THR C 177 -3.67 18.56 -12.08
C THR C 177 -3.31 17.36 -11.23
N VAL C 178 -4.03 16.25 -11.41
CA VAL C 178 -3.77 15.08 -10.61
C VAL C 178 -2.36 14.60 -10.89
N LEU C 179 -1.96 14.68 -12.15
CA LEU C 179 -0.63 14.32 -12.57
C LEU C 179 0.41 15.16 -11.83
N LEU C 180 0.28 16.47 -11.97
CA LEU C 180 1.22 17.38 -11.33
C LEU C 180 1.30 17.13 -9.82
N LEU C 181 0.14 16.99 -9.18
CA LEU C 181 0.06 16.84 -7.74
C LEU C 181 0.73 15.54 -7.31
N ASN C 182 0.52 14.49 -8.09
CA ASN C 182 1.14 13.24 -7.80
C ASN C 182 2.62 13.31 -8.10
N TYR C 183 2.98 14.03 -9.16
CA TYR C 183 4.39 14.17 -9.49
C TYR C 183 5.13 14.89 -8.38
N LEU C 184 4.50 15.94 -7.87
CA LEU C 184 5.05 16.61 -6.71
C LEU C 184 5.24 15.60 -5.57
N GLN C 185 4.18 14.91 -5.18
CA GLN C 185 4.28 13.88 -4.13
C GLN C 185 5.48 12.94 -4.37
N THR C 186 5.71 12.65 -5.64
CA THR C 186 6.66 11.66 -6.12
C THR C 186 8.13 12.14 -6.03
N SER C 187 8.31 13.46 -6.02
CA SER C 187 9.61 14.08 -6.15
C SER C 187 10.26 14.31 -4.78
N HIS C 188 9.41 14.34 -3.75
CA HIS C 188 9.79 14.49 -2.33
C HIS C 188 10.05 15.92 -1.89
N LEU C 189 9.77 16.88 -2.77
CA LEU C 189 10.07 18.28 -2.47
C LEU C 189 9.34 18.84 -1.26
N MET C 190 8.13 18.33 -0.99
CA MET C 190 7.36 18.75 0.18
C MET C 190 7.59 17.85 1.40
N ASP C 191 8.55 16.91 1.30
CA ASP C 191 8.81 15.99 2.41
C ASP C 191 9.67 16.67 3.45
N THR D 2 -17.64 32.94 -13.20
CA THR D 2 -18.56 33.88 -12.43
C THR D 2 -19.95 33.30 -12.15
N GLN D 3 -20.44 33.59 -10.94
CA GLN D 3 -21.60 32.90 -10.35
C GLN D 3 -22.62 32.40 -11.37
N GLN D 4 -23.31 33.33 -12.03
CA GLN D 4 -24.49 32.98 -12.86
C GLN D 4 -24.19 32.62 -14.34
N ILE D 5 -24.56 31.39 -14.69
CA ILE D 5 -24.38 30.80 -16.02
C ILE D 5 -25.73 30.60 -16.70
N THR D 6 -25.82 31.07 -17.94
CA THR D 6 -27.02 30.94 -18.77
C THR D 6 -26.53 30.37 -20.11
N LEU D 7 -27.16 29.28 -20.52
CA LEU D 7 -26.91 28.69 -21.83
C LEU D 7 -27.69 29.46 -22.87
N ILE D 8 -27.00 30.01 -23.86
CA ILE D 8 -27.65 30.81 -24.87
C ILE D 8 -27.96 30.02 -26.14
N LYS D 9 -26.98 29.26 -26.62
CA LYS D 9 -27.09 28.58 -27.90
C LYS D 9 -26.15 27.37 -27.92
N ASP D 10 -26.56 26.29 -28.58
CA ASP D 10 -25.72 25.11 -28.82
C ASP D 10 -25.75 24.78 -30.31
N LYS D 11 -24.74 25.17 -31.07
CA LYS D 11 -24.71 24.79 -32.48
C LYS D 11 -23.77 23.62 -32.77
N ILE D 12 -24.23 22.72 -33.62
CA ILE D 12 -23.43 21.59 -34.08
C ILE D 12 -22.61 22.05 -35.26
N LEU D 13 -21.29 22.05 -35.10
CA LEU D 13 -20.40 22.41 -36.17
C LEU D 13 -20.03 21.22 -37.02
N SER D 14 -19.95 20.03 -36.42
CA SER D 14 -19.74 18.77 -37.13
C SER D 14 -20.35 17.57 -36.39
N ASP D 15 -21.09 16.73 -37.10
CA ASP D 15 -21.66 15.52 -36.50
C ASP D 15 -21.49 14.26 -37.38
N ASN D 16 -20.27 14.04 -37.84
CA ASN D 16 -19.92 12.83 -38.57
C ASN D 16 -19.90 11.71 -37.55
N TYR D 17 -18.68 11.23 -37.29
CA TYR D 17 -18.43 10.25 -36.26
C TYR D 17 -18.75 10.84 -34.88
N PHE D 18 -18.03 11.88 -34.49
CA PHE D 18 -18.34 12.51 -33.21
C PHE D 18 -18.93 13.88 -33.41
N THR D 19 -19.40 14.46 -32.32
CA THR D 19 -20.06 15.75 -32.39
C THR D 19 -19.20 16.86 -31.87
N LEU D 20 -19.06 17.87 -32.72
CA LEU D 20 -18.42 19.10 -32.36
C LEU D 20 -19.44 20.22 -32.29
N HIS D 21 -19.48 20.88 -31.14
CA HIS D 21 -20.50 21.88 -30.84
C HIS D 21 -19.79 23.23 -30.72
N ASN D 22 -20.48 24.30 -31.08
CA ASN D 22 -20.07 25.60 -30.59
C ASN D 22 -21.08 26.06 -29.54
N ILE D 23 -20.62 26.22 -28.30
CA ILE D 23 -21.47 26.59 -27.17
C ILE D 23 -21.32 28.03 -26.70
N THR D 24 -22.44 28.74 -26.76
CA THR D 24 -22.56 30.15 -26.42
C THR D 24 -23.27 30.27 -25.09
N TYR D 25 -22.66 31.01 -24.19
CA TYR D 25 -23.17 31.18 -22.84
C TYR D 25 -22.83 32.52 -22.28
N ASP D 26 -23.56 32.88 -21.24
CA ASP D 26 -23.35 34.14 -20.58
C ASP D 26 -22.84 33.91 -19.16
N LEU D 27 -21.94 34.79 -18.73
CA LEU D 27 -21.41 34.76 -17.39
C LEU D 27 -21.79 36.06 -16.73
N THR D 28 -22.49 35.99 -15.59
CA THR D 28 -22.91 37.22 -14.94
C THR D 28 -22.09 37.57 -13.70
N ARG D 29 -21.35 38.68 -13.80
CA ARG D 29 -20.57 39.23 -12.67
C ARG D 29 -21.47 39.71 -11.50
N LYS D 30 -20.87 39.88 -10.32
CA LYS D 30 -21.56 40.31 -9.08
C LYS D 30 -22.40 41.58 -9.30
N ASP D 31 -21.81 42.53 -10.03
CA ASP D 31 -22.44 43.81 -10.38
C ASP D 31 -23.56 43.68 -11.39
N GLY D 32 -23.70 42.50 -12.01
CA GLY D 32 -24.73 42.29 -13.02
C GLY D 32 -24.35 42.60 -14.46
N GLU D 33 -23.06 42.81 -14.70
CA GLU D 33 -22.51 42.90 -16.04
C GLU D 33 -22.60 41.51 -16.64
N VAL D 34 -23.00 41.43 -17.90
CA VAL D 34 -23.19 40.16 -18.61
C VAL D 34 -22.22 40.05 -19.78
N ILE D 35 -21.40 39.02 -19.74
CA ILE D 35 -20.31 38.80 -20.70
C ILE D 35 -20.60 37.52 -21.49
N ARG D 36 -20.59 37.61 -22.82
CA ARG D 36 -20.84 36.46 -23.66
C ARG D 36 -19.54 35.73 -24.02
N HIS D 37 -19.57 34.41 -23.96
CA HIS D 37 -18.44 33.57 -24.28
C HIS D 37 -18.89 32.52 -25.29
N LYS D 38 -18.07 32.19 -26.26
CA LYS D 38 -18.36 31.13 -27.22
C LYS D 38 -17.26 30.11 -27.12
N ARG D 39 -17.60 28.83 -26.92
CA ARG D 39 -16.55 27.82 -26.79
C ARG D 39 -16.83 26.59 -27.63
N GLU D 40 -15.89 26.24 -28.50
CA GLU D 40 -15.93 24.94 -29.16
C GLU D 40 -15.89 23.85 -28.11
N VAL D 41 -16.76 22.85 -28.26
CA VAL D 41 -16.80 21.67 -27.41
C VAL D 41 -16.90 20.40 -28.27
N TYR D 42 -15.90 19.52 -28.13
CA TYR D 42 -15.83 18.27 -28.88
C TYR D 42 -16.24 17.11 -28.01
N ASP D 43 -17.28 16.40 -28.43
CA ASP D 43 -17.87 15.34 -27.66
C ASP D 43 -17.43 14.00 -28.25
N ARG D 44 -16.45 13.36 -27.64
CA ARG D 44 -15.98 12.05 -28.07
C ARG D 44 -16.58 10.93 -27.24
N GLY D 45 -17.41 11.25 -26.24
CA GLY D 45 -17.85 10.24 -25.30
C GLY D 45 -16.76 10.03 -24.25
N ASN D 46 -17.06 9.23 -23.23
CA ASN D 46 -16.14 8.96 -22.16
C ASN D 46 -15.44 7.64 -22.40
N GLY D 47 -14.38 7.36 -21.66
CA GLY D 47 -13.67 6.11 -21.81
C GLY D 47 -13.11 5.63 -20.49
N ALA D 48 -12.26 4.60 -20.56
CA ALA D 48 -11.67 3.99 -19.36
C ALA D 48 -10.31 3.35 -19.68
N THR D 49 -9.43 3.30 -18.68
CA THR D 49 -8.05 2.83 -18.89
C THR D 49 -7.61 2.01 -17.69
N ILE D 50 -6.69 1.10 -17.88
CA ILE D 50 -6.26 0.28 -16.77
C ILE D 50 -4.79 -0.06 -16.85
N LEU D 51 -4.09 0.12 -15.73
CA LEU D 51 -2.72 -0.34 -15.62
C LEU D 51 -2.68 -1.74 -14.95
N LEU D 52 -2.07 -2.69 -15.63
CA LEU D 52 -1.90 -4.00 -15.06
C LEU D 52 -0.47 -4.07 -14.55
N TYR D 53 -0.34 -4.52 -13.30
CA TYR D 53 0.94 -4.61 -12.63
C TYR D 53 1.10 -5.99 -11.99
N ASN D 54 2.35 -6.45 -11.89
CA ASN D 54 2.66 -7.70 -11.25
C ASN D 54 3.81 -7.52 -10.30
N THR D 55 3.53 -7.94 -9.07
CA THR D 55 4.25 -7.57 -7.86
C THR D 55 5.47 -8.44 -7.58
N LYS D 56 5.45 -9.67 -8.05
CA LYS D 56 6.61 -10.52 -7.93
C LYS D 56 7.64 -10.12 -8.98
N LYS D 57 7.19 -9.93 -10.21
CA LYS D 57 8.10 -9.66 -11.31
C LYS D 57 8.45 -8.19 -11.36
N LYS D 58 7.67 -7.39 -10.63
CA LYS D 58 7.82 -5.93 -10.63
C LYS D 58 7.70 -5.35 -12.05
N THR D 59 6.71 -5.85 -12.79
CA THR D 59 6.49 -5.47 -14.16
C THR D 59 5.09 -4.90 -14.38
N VAL D 60 4.92 -4.18 -15.49
CA VAL D 60 3.61 -3.73 -15.93
C VAL D 60 3.33 -4.11 -17.36
N VAL D 61 2.06 -4.34 -17.65
CA VAL D 61 1.63 -4.55 -19.02
C VAL D 61 1.12 -3.22 -19.57
N LEU D 62 1.70 -2.81 -20.69
CA LEU D 62 1.27 -1.60 -21.43
C LEU D 62 1.06 -1.96 -22.90
N ILE D 63 0.50 -1.04 -23.66
CA ILE D 63 0.34 -1.26 -25.10
C ILE D 63 1.03 -0.19 -25.97
N ARG D 64 1.16 -0.51 -27.25
CA ARG D 64 1.74 0.39 -28.26
C ARG D 64 0.87 0.31 -29.49
N GLN D 65 0.47 1.45 -30.04
CA GLN D 65 -0.29 1.44 -31.29
C GLN D 65 -0.14 2.76 -32.02
N PHE D 66 -0.53 2.76 -33.29
CA PHE D 66 -0.56 4.01 -34.04
C PHE D 66 -1.72 4.92 -33.64
N ARG D 67 -1.37 6.14 -33.23
CA ARG D 67 -2.33 7.23 -33.05
C ARG D 67 -2.12 8.37 -34.08
N VAL D 68 -3.08 8.60 -34.97
CA VAL D 68 -2.93 9.63 -36.04
C VAL D 68 -2.72 11.00 -35.47
N ALA D 69 -3.50 11.30 -34.43
CA ALA D 69 -3.58 12.66 -33.90
C ALA D 69 -2.22 13.06 -33.36
N THR D 70 -1.40 12.06 -33.03
CA THR D 70 -0.04 12.28 -32.59
C THR D 70 0.93 12.30 -33.81
N TRP D 71 0.63 11.49 -34.83
CA TRP D 71 1.44 11.42 -36.06
C TRP D 71 1.49 12.75 -36.82
N VAL D 72 0.42 13.53 -36.77
CA VAL D 72 0.43 14.86 -37.42
C VAL D 72 0.86 16.01 -36.49
N ASN D 73 1.13 15.69 -35.21
CA ASN D 73 1.64 16.66 -34.22
C ASN D 73 2.90 16.20 -33.43
N GLY D 74 3.98 15.87 -34.15
CA GLY D 74 5.30 15.68 -33.54
C GLY D 74 5.82 14.29 -33.16
N ASN D 75 5.01 13.25 -33.35
CA ASN D 75 5.43 11.89 -32.99
C ASN D 75 5.86 11.14 -34.24
N GLU D 76 7.17 11.02 -34.47
CA GLU D 76 7.72 10.59 -35.78
C GLU D 76 6.91 9.46 -36.37
N SER D 77 6.93 8.30 -35.71
CA SER D 77 6.32 7.10 -36.26
C SER D 77 4.80 6.99 -36.03
N GLY D 78 4.26 7.82 -35.14
CA GLY D 78 2.83 7.79 -34.80
C GLY D 78 2.46 6.79 -33.70
N GLN D 79 3.39 5.87 -33.44
CA GLN D 79 3.26 4.81 -32.43
C GLN D 79 3.30 5.36 -31.03
N LEU D 80 2.25 5.07 -30.26
CA LEU D 80 2.17 5.59 -28.91
C LEU D 80 2.07 4.49 -27.90
N ILE D 81 2.89 4.59 -26.86
CA ILE D 81 2.85 3.68 -25.72
C ILE D 81 1.88 4.21 -24.67
N GLU D 82 0.85 3.40 -24.43
CA GLU D 82 -0.25 3.75 -23.52
C GLU D 82 -0.58 2.57 -22.63
N SER D 83 -1.32 2.89 -21.57
CA SER D 83 -2.06 1.93 -20.78
C SER D 83 -3.27 1.54 -21.58
N CYS D 84 -3.68 0.28 -21.41
CA CYS D 84 -4.88 -0.25 -22.01
C CYS D 84 -6.06 0.68 -21.77
N ALA D 85 -6.89 0.86 -22.79
CA ALA D 85 -7.92 1.86 -22.72
C ALA D 85 -8.91 1.63 -23.83
N GLY D 86 -10.19 1.87 -23.54
CA GLY D 86 -11.22 1.79 -24.55
C GLY D 86 -12.32 2.79 -24.31
N LEU D 87 -13.10 3.12 -25.34
CA LEU D 87 -14.27 3.98 -25.17
C LEU D 87 -15.40 3.21 -24.52
N LEU D 88 -16.16 3.87 -23.66
CA LEU D 88 -17.27 3.21 -22.99
C LEU D 88 -18.28 2.61 -23.97
N ASP D 89 -18.46 3.30 -25.10
CA ASP D 89 -19.63 3.16 -25.93
C ASP D 89 -20.88 3.24 -25.01
N ASN D 90 -21.43 2.11 -24.59
CA ASN D 90 -22.58 2.16 -23.68
C ASN D 90 -22.46 1.18 -22.50
N ASP D 91 -21.24 0.68 -22.27
CA ASP D 91 -20.95 -0.18 -21.12
C ASP D 91 -20.75 0.70 -19.91
N GLU D 92 -21.01 0.15 -18.74
CA GLU D 92 -20.51 0.71 -17.50
C GLU D 92 -18.97 0.58 -17.48
N PRO D 93 -18.28 1.51 -16.82
CA PRO D 93 -16.81 1.51 -16.86
C PRO D 93 -16.09 0.16 -16.61
N GLU D 94 -16.58 -0.66 -15.69
CA GLU D 94 -15.84 -1.86 -15.32
C GLU D 94 -15.97 -2.96 -16.38
N VAL D 95 -17.22 -3.24 -16.73
CA VAL D 95 -17.55 -3.97 -17.93
C VAL D 95 -16.63 -3.53 -19.07
N CYS D 96 -16.57 -2.22 -19.33
CA CYS D 96 -15.82 -1.69 -20.48
C CYS D 96 -14.33 -2.03 -20.39
N ILE D 97 -13.76 -1.77 -19.23
CA ILE D 97 -12.34 -1.97 -19.03
C ILE D 97 -11.93 -3.44 -19.03
N ARG D 98 -12.79 -4.32 -18.50
CA ARG D 98 -12.46 -5.72 -18.49
C ARG D 98 -12.46 -6.25 -19.95
N LYS D 99 -13.41 -5.75 -20.73
CA LYS D 99 -13.51 -6.08 -22.13
C LYS D 99 -12.29 -5.54 -22.89
N ALA D 100 -11.89 -4.30 -22.60
CA ALA D 100 -10.74 -3.73 -23.27
C ALA D 100 -9.47 -4.51 -22.96
N ALA D 101 -9.36 -5.00 -21.72
CA ALA D 101 -8.15 -5.67 -21.26
C ALA D 101 -7.91 -6.97 -21.98
N ILE D 102 -8.95 -7.77 -22.11
CA ILE D 102 -8.77 -9.05 -22.74
C ILE D 102 -8.57 -8.90 -24.26
N GLU D 103 -9.22 -7.92 -24.87
CA GLU D 103 -9.06 -7.68 -26.33
C GLU D 103 -7.71 -7.05 -26.74
N GLU D 104 -7.23 -6.08 -25.97
CA GLU D 104 -5.99 -5.39 -26.31
C GLU D 104 -4.75 -6.09 -25.74
N THR D 105 -4.81 -6.44 -24.46
CA THR D 105 -3.70 -7.06 -23.74
C THR D 105 -3.81 -8.58 -23.74
N GLY D 106 -5.04 -9.12 -23.74
CA GLY D 106 -5.24 -10.57 -23.72
C GLY D 106 -5.38 -11.19 -22.33
N TYR D 107 -5.09 -10.40 -21.30
CA TYR D 107 -5.24 -10.81 -19.91
C TYR D 107 -6.68 -10.67 -19.46
N GLU D 108 -7.18 -11.72 -18.81
CA GLU D 108 -8.45 -11.62 -18.11
C GLU D 108 -8.22 -11.24 -16.66
N VAL D 109 -8.68 -10.05 -16.33
CA VAL D 109 -8.39 -9.45 -15.05
C VAL D 109 -9.27 -9.98 -13.93
N GLY D 110 -8.67 -10.27 -12.78
CA GLY D 110 -9.45 -10.54 -11.56
C GLY D 110 -9.88 -9.26 -10.87
N GLU D 111 -9.51 -9.12 -9.59
CA GLU D 111 -9.82 -7.92 -8.81
C GLU D 111 -9.30 -6.66 -9.53
N VAL D 112 -10.12 -5.60 -9.47
CA VAL D 112 -9.90 -4.36 -10.17
C VAL D 112 -10.12 -3.18 -9.23
N ARG D 113 -9.17 -2.24 -9.22
CA ARG D 113 -9.26 -1.11 -8.32
C ARG D 113 -9.44 0.19 -9.10
N LYS D 114 -10.47 0.92 -8.71
CA LYS D 114 -10.84 2.14 -9.38
C LYS D 114 -10.31 3.33 -8.55
N LEU D 115 -9.58 4.22 -9.24
CA LEU D 115 -8.90 5.30 -8.58
C LEU D 115 -9.71 6.56 -8.66
N PHE D 116 -10.11 6.95 -9.87
CA PHE D 116 -10.87 8.17 -10.07
C PHE D 116 -11.36 8.32 -11.50
N GLU D 117 -12.25 9.30 -11.68
CA GLU D 117 -12.78 9.72 -12.96
C GLU D 117 -12.24 11.13 -13.27
N LEU D 118 -11.54 11.29 -14.39
CA LEU D 118 -10.88 12.56 -14.66
C LEU D 118 -11.16 13.10 -16.07
N TYR D 119 -11.27 14.41 -16.16
CA TYR D 119 -11.37 15.07 -17.47
C TYR D 119 -9.96 15.22 -17.94
N MET D 120 -9.66 14.75 -19.15
CA MET D 120 -8.31 14.85 -19.62
C MET D 120 -8.00 16.14 -20.34
N SER D 121 -8.95 16.64 -21.14
CA SER D 121 -8.69 17.90 -21.83
C SER D 121 -9.91 18.81 -21.75
N PRO D 122 -10.12 19.39 -20.57
CA PRO D 122 -11.44 19.95 -20.27
C PRO D 122 -11.67 21.31 -20.85
N GLY D 123 -10.71 21.83 -21.62
CA GLY D 123 -10.91 23.11 -22.28
C GLY D 123 -11.97 22.98 -23.37
N GLY D 124 -11.64 22.17 -24.38
CA GLY D 124 -12.57 21.91 -25.48
C GLY D 124 -12.85 20.44 -25.73
N VAL D 125 -12.73 19.61 -24.70
CA VAL D 125 -13.09 18.21 -24.86
C VAL D 125 -13.89 17.74 -23.67
N THR D 126 -14.81 16.86 -23.95
CA THR D 126 -15.84 16.45 -23.02
C THR D 126 -15.30 15.31 -22.11
N GLU D 127 -14.21 14.74 -22.59
CA GLU D 127 -13.76 13.43 -22.20
C GLU D 127 -13.56 13.28 -20.70
N LEU D 128 -14.24 12.31 -20.13
CA LEU D 128 -13.94 11.87 -18.79
C LEU D 128 -13.37 10.45 -18.92
N ILE D 129 -12.21 10.19 -18.33
CA ILE D 129 -11.62 8.83 -18.30
C ILE D 129 -11.73 8.19 -16.93
N HIS D 130 -12.24 6.98 -16.87
CA HIS D 130 -12.32 6.26 -15.61
C HIS D 130 -11.03 5.47 -15.41
N PHE D 131 -10.35 5.65 -14.28
CA PHE D 131 -9.02 5.11 -14.08
C PHE D 131 -9.02 3.85 -13.20
N PHE D 132 -8.46 2.78 -13.74
CA PHE D 132 -8.40 1.51 -13.04
C PHE D 132 -6.97 1.03 -12.93
N ILE D 133 -6.69 0.27 -11.87
CA ILE D 133 -5.47 -0.54 -11.82
C ILE D 133 -5.87 -1.95 -11.38
N ALA D 134 -5.03 -2.94 -11.74
CA ALA D 134 -5.26 -4.32 -11.28
C ALA D 134 -3.98 -5.16 -11.29
N GLU D 135 -3.95 -6.14 -10.40
CA GLU D 135 -2.87 -7.12 -10.41
C GLU D 135 -3.12 -8.19 -11.47
N TYR D 136 -2.06 -8.60 -12.17
CA TYR D 136 -2.15 -9.65 -13.20
C TYR D 136 -1.21 -10.82 -12.95
N SER D 137 -1.49 -11.94 -13.61
CA SER D 137 -0.78 -13.20 -13.43
C SER D 137 -0.63 -13.86 -14.79
N ASP D 138 0.29 -14.82 -14.88
CA ASP D 138 0.60 -15.46 -16.15
C ASP D 138 -0.48 -16.39 -16.69
N ASN D 139 -1.19 -17.07 -15.80
CA ASN D 139 -2.32 -17.92 -16.20
C ASN D 139 -3.55 -17.16 -16.71
N GLN D 140 -3.84 -16.03 -16.08
CA GLN D 140 -4.93 -15.16 -16.52
C GLN D 140 -4.77 -14.68 -17.97
N ARG D 141 -3.66 -15.10 -18.60
CA ARG D 141 -3.43 -14.77 -20.02
C ARG D 141 -4.26 -15.69 -20.92
N ALA D 142 -5.44 -15.20 -21.33
CA ALA D 142 -6.34 -15.99 -22.16
C ALA D 142 -5.90 -16.00 -23.62
N ASN D 143 -5.26 -14.90 -24.05
CA ASN D 143 -4.67 -14.84 -25.40
C ASN D 143 -3.56 -13.76 -25.58
N ALA D 144 -3.35 -13.34 -26.84
CA ALA D 144 -2.21 -12.48 -27.24
C ALA D 144 -2.58 -11.05 -27.66
N GLY D 145 -3.68 -10.52 -27.11
CA GLY D 145 -4.14 -9.16 -27.38
C GLY D 145 -4.23 -8.81 -28.86
N GLY D 146 -4.23 -7.51 -29.16
CA GLY D 146 -4.25 -7.04 -30.55
C GLY D 146 -5.50 -6.32 -31.03
N GLY D 147 -6.53 -6.24 -30.18
CA GLY D 147 -7.83 -5.66 -30.57
C GLY D 147 -8.66 -6.57 -31.48
N VAL D 148 -9.58 -5.98 -32.25
CA VAL D 148 -10.42 -6.77 -33.18
C VAL D 148 -10.53 -6.19 -34.61
N GLU D 149 -10.21 -7.03 -35.61
CA GLU D 149 -10.26 -6.70 -37.08
C GLU D 149 -9.32 -5.57 -37.54
N ASP D 150 -9.59 -4.35 -37.09
CA ASP D 150 -8.86 -3.18 -37.62
C ASP D 150 -7.67 -2.74 -36.74
N GLU D 151 -7.86 -2.89 -35.42
CA GLU D 151 -6.82 -2.63 -34.43
C GLU D 151 -5.60 -3.54 -34.67
N ASP D 152 -4.40 -2.96 -34.54
CA ASP D 152 -3.15 -3.73 -34.65
C ASP D 152 -2.25 -3.35 -33.47
N ILE D 153 -2.65 -3.79 -32.28
CA ILE D 153 -2.02 -3.39 -31.03
C ILE D 153 -0.91 -4.36 -30.61
N GLU D 154 0.27 -3.82 -30.31
CA GLU D 154 1.34 -4.61 -29.71
C GLU D 154 1.24 -4.62 -28.18
N VAL D 155 1.45 -5.78 -27.57
CA VAL D 155 1.37 -5.89 -26.13
C VAL D 155 2.77 -5.85 -25.55
N LEU D 156 2.97 -4.98 -24.58
CA LEU D 156 4.26 -4.78 -23.93
C LEU D 156 4.27 -5.22 -22.47
N GLU D 157 5.16 -6.15 -22.17
CA GLU D 157 5.50 -6.47 -20.78
C GLU D 157 6.90 -5.96 -20.53
N LEU D 158 7.02 -5.06 -19.54
CA LEU D 158 8.29 -4.42 -19.18
C LEU D 158 8.43 -4.15 -17.66
N PRO D 159 9.67 -4.28 -17.12
CA PRO D 159 9.95 -3.93 -15.72
C PRO D 159 9.40 -2.53 -15.41
N PHE D 160 8.80 -2.36 -14.23
CA PHE D 160 8.25 -1.07 -13.79
C PHE D 160 9.34 0.01 -13.80
N SER D 161 10.50 -0.36 -13.26
CA SER D 161 11.68 0.50 -13.22
C SER D 161 11.97 1.21 -14.55
N GLN D 162 11.79 0.47 -15.64
CA GLN D 162 12.10 0.92 -17.00
C GLN D 162 11.02 1.84 -17.59
N ALA D 163 9.79 1.62 -17.16
CA ALA D 163 8.70 2.50 -17.52
C ALA D 163 9.00 3.93 -17.06
N LEU D 164 9.55 4.07 -15.85
CA LEU D 164 9.82 5.40 -15.31
C LEU D 164 11.00 6.02 -16.05
N GLU D 165 12.01 5.19 -16.31
CA GLU D 165 13.12 5.55 -17.20
C GLU D 165 12.56 6.16 -18.49
N MET D 166 11.55 5.49 -19.04
CA MET D 166 10.99 5.89 -20.32
C MET D 166 10.09 7.10 -20.20
N ILE D 167 9.48 7.33 -19.03
CA ILE D 167 8.78 8.59 -18.86
C ILE D 167 9.81 9.70 -18.89
N LYS D 168 10.93 9.50 -18.16
CA LYS D 168 11.92 10.55 -18.03
C LYS D 168 12.64 10.88 -19.35
N THR D 169 12.77 9.91 -20.27
CA THR D 169 13.43 10.17 -21.58
C THR D 169 12.44 10.55 -22.68
N GLY D 170 11.17 10.68 -22.31
CA GLY D 170 10.13 11.02 -23.28
C GLY D 170 9.52 9.85 -24.04
N GLU D 171 10.25 8.74 -24.11
CA GLU D 171 9.78 7.51 -24.75
C GLU D 171 8.31 7.18 -24.47
N ILE D 172 7.86 7.44 -23.23
CA ILE D 172 6.45 7.46 -22.86
C ILE D 172 6.00 8.92 -22.62
N ARG D 173 4.98 9.34 -23.35
CA ARG D 173 4.58 10.75 -23.44
C ARG D 173 3.05 10.94 -23.61
N ASP D 174 2.30 10.08 -22.91
CA ASP D 174 0.85 10.04 -22.88
C ASP D 174 0.29 10.33 -21.46
N GLY D 175 -0.67 11.26 -21.36
CA GLY D 175 -1.17 11.73 -20.06
C GLY D 175 -1.71 10.67 -19.12
N LYS D 176 -2.60 9.84 -19.61
CA LYS D 176 -3.26 8.84 -18.80
C LYS D 176 -2.27 7.75 -18.32
N THR D 177 -1.27 7.45 -19.16
CA THR D 177 -0.30 6.41 -18.89
C THR D 177 0.67 6.85 -17.80
N VAL D 178 1.21 8.04 -18.00
CA VAL D 178 2.10 8.66 -17.04
C VAL D 178 1.38 8.85 -15.72
N LEU D 179 0.15 9.33 -15.77
CA LEU D 179 -0.64 9.47 -14.56
C LEU D 179 -0.66 8.12 -13.85
N LEU D 180 -0.79 7.06 -14.64
CA LEU D 180 -1.01 5.74 -14.05
C LEU D 180 0.27 5.14 -13.52
N LEU D 181 1.36 5.27 -14.27
CA LEU D 181 2.60 4.69 -13.84
C LEU D 181 3.02 5.42 -12.59
N ASN D 182 2.83 6.73 -12.59
CA ASN D 182 3.20 7.54 -11.44
C ASN D 182 2.41 7.25 -10.17
N TYR D 183 1.12 7.02 -10.32
CA TYR D 183 0.29 6.74 -9.16
C TYR D 183 0.78 5.50 -8.46
N LEU D 184 1.34 4.58 -9.24
CA LEU D 184 1.81 3.32 -8.72
C LEU D 184 3.14 3.53 -7.97
N GLN D 185 3.99 4.41 -8.50
CA GLN D 185 5.20 4.83 -7.79
C GLN D 185 4.79 5.38 -6.44
N THR D 186 3.76 6.24 -6.45
CA THR D 186 3.09 6.80 -5.27
C THR D 186 2.59 5.78 -4.27
N SER D 187 2.11 4.65 -4.77
CA SER D 187 1.65 3.53 -3.93
C SER D 187 2.79 2.68 -3.37
N HIS D 188 3.95 2.74 -4.03
CA HIS D 188 5.12 2.01 -3.55
C HIS D 188 5.03 0.48 -3.73
N LEU D 189 3.90 -0.03 -4.24
CA LEU D 189 3.64 -1.47 -4.29
C LEU D 189 4.61 -2.23 -5.17
N MET D 190 5.38 -1.48 -5.94
CA MET D 190 6.39 -2.08 -6.78
C MET D 190 7.79 -1.94 -6.17
N ASP D 191 7.85 -1.45 -4.93
CA ASP D 191 9.09 -1.47 -4.14
C ASP D 191 9.46 -2.91 -3.77
#